data_5QD5
#
_entry.id   5QD5
#
_cell.length_a   82.013
_cell.length_b   103.309
_cell.length_c   99.795
_cell.angle_alpha   90.00
_cell.angle_beta   104.18
_cell.angle_gamma   90.00
#
_symmetry.space_group_name_H-M   'P 1 21 1'
#
loop_
_entity.id
_entity.type
_entity.pdbx_description
1 polymer 'Beta-secretase 1'
2 non-polymer (10S,12S)-17-chloro-12-[(1R)-1-hydroxy-2-({[3-(propan-2-yl)phenyl]methyl}amino)ethyl]-10-methyl-7-oxa-2,13,18-triazabicyclo[13.3.1]nonadeca-1(19),15,17-trien-14-one
3 water water
#
_entity_poly.entity_id   1
_entity_poly.type   'polypeptide(L)'
_entity_poly.pdbx_seq_one_letter_code
;GPDEEPEEPGRRGSFVEMVDNLRGKSGQGYYVEMTVGSPPQTLNILVDTGSSNFAVGAAPHPFLHRYYQRQLSSTYRDLR
KGVYVPYTQGKWEGELGTDLVSIPHGPNVTVRANIAAITESDKFFINGSNWEGILGLAYAEIARPDDSLEPFFDSLVKQT
HVPNLFSLQLCGAGFPLNQSEVLASVGGSMIIGGIDHSLYTGSLWYTPIRREWYYEVIIVRVEINGQDLKMDCKEYNYDK
SIVDSGTTNLRLPKKVFEAAVKSIKAASSTEKFPDGFWLGEQLVCWQAGTTPWNIFPVISLYLMGEVTNQSFRITILPQQ
YLRPVEDVATSQDDCYKFAISQSSTGTVMGAVIMEGFYVVFDRARKRIGFAVSACHVHDEFRTAAVEGPFVTLDMEDCGY
NI
;
_entity_poly.pdbx_strand_id   A,B,C
#
loop_
_chem_comp.id
_chem_comp.type
_chem_comp.name
_chem_comp.formula
E6P non-polymer (10S,12S)-17-chloro-12-[(1R)-1-hydroxy-2-({[3-(propan-2-yl)phenyl]methyl}amino)ethyl]-10-methyl-7-oxa-2,13,18-triazabicyclo[13.3.1]nonadeca-1(19),15,17-trien-14-one 'C28 H41 Cl N4 O3'
#
# COMPACT_ATOMS: atom_id res chain seq x y z
N SER A 14 -29.34 0.26 24.97
CA SER A 14 -30.26 -0.33 24.00
C SER A 14 -29.49 -0.95 22.81
N PHE A 15 -28.16 -1.02 22.94
CA PHE A 15 -27.33 -1.56 21.87
C PHE A 15 -27.51 -3.06 21.66
N VAL A 16 -27.96 -3.79 22.69
CA VAL A 16 -28.07 -5.26 22.59
C VAL A 16 -29.04 -5.64 21.47
N GLU A 17 -29.99 -4.75 21.17
CA GLU A 17 -30.93 -4.96 20.07
C GLU A 17 -30.26 -5.00 18.70
N MET A 18 -29.03 -4.53 18.60
CA MET A 18 -28.34 -4.51 17.32
C MET A 18 -27.25 -5.56 17.22
N VAL A 19 -26.91 -6.23 18.33
CA VAL A 19 -25.93 -7.28 18.25
C VAL A 19 -26.44 -8.37 17.32
N ASP A 20 -25.57 -8.84 16.43
CA ASP A 20 -25.88 -9.92 15.48
C ASP A 20 -26.92 -9.51 14.45
N ASN A 21 -27.00 -8.21 14.09
CA ASN A 21 -27.98 -7.77 13.11
C ASN A 21 -27.46 -7.88 11.68
N LEU A 22 -26.28 -8.43 11.49
CA LEU A 22 -25.70 -8.57 10.16
C LEU A 22 -25.62 -10.05 9.80
N ARG A 23 -25.87 -10.33 8.52
CA ARG A 23 -25.67 -11.66 7.92
C ARG A 23 -24.89 -11.48 6.62
N GLY A 24 -24.39 -12.57 6.07
CA GLY A 24 -23.75 -12.51 4.76
C GLY A 24 -23.30 -13.87 4.29
N LYS A 25 -22.87 -13.90 3.03
CA LYS A 25 -22.10 -14.99 2.45
C LYS A 25 -20.65 -14.55 2.25
N SER A 26 -19.73 -15.49 2.44
CA SER A 26 -18.31 -15.20 2.28
C SER A 26 -18.02 -14.61 0.90
N GLY A 27 -17.29 -13.49 0.87
CA GLY A 27 -16.95 -12.80 -0.36
C GLY A 27 -18.09 -12.03 -0.99
N GLN A 28 -19.26 -11.94 -0.34
CA GLN A 28 -20.42 -11.30 -0.95
C GLN A 28 -20.96 -10.14 -0.11
N GLY A 29 -20.24 -9.68 0.89
CA GLY A 29 -20.70 -8.54 1.68
C GLY A 29 -21.54 -8.95 2.88
N TYR A 30 -21.69 -8.00 3.79
CA TYR A 30 -22.52 -8.14 4.98
C TYR A 30 -23.74 -7.24 4.81
N TYR A 31 -24.91 -7.73 5.21
CA TYR A 31 -26.12 -6.95 5.02
C TYR A 31 -26.94 -6.90 6.29
N VAL A 32 -27.70 -5.82 6.42
CA VAL A 32 -28.59 -5.54 7.53
C VAL A 32 -29.99 -5.43 6.96
N GLU A 33 -30.99 -5.80 7.76
CA GLU A 33 -32.38 -5.68 7.32
C GLU A 33 -32.89 -4.26 7.50
N MET A 34 -33.56 -3.72 6.47
CA MET A 34 -34.13 -2.39 6.53
C MET A 34 -35.54 -2.42 5.95
N THR A 35 -36.31 -1.39 6.22
CA THR A 35 -37.57 -1.19 5.52
C THR A 35 -37.56 0.20 4.89
N VAL A 36 -38.16 0.30 3.70
CA VAL A 36 -38.37 1.58 3.03
C VAL A 36 -39.84 1.70 2.68
N GLY A 37 -40.36 2.93 2.77
CA GLY A 37 -41.69 3.23 2.29
C GLY A 37 -42.77 3.02 3.33
N SER A 38 -43.97 3.48 2.97
CA SER A 38 -45.17 3.31 3.78
C SER A 38 -46.26 2.69 2.90
N PRO A 39 -46.75 1.47 3.20
CA PRO A 39 -46.35 0.58 4.30
C PRO A 39 -44.93 0.01 4.11
N PRO A 40 -44.28 -0.39 5.20
CA PRO A 40 -42.86 -0.75 5.13
C PRO A 40 -42.59 -1.93 4.21
N GLN A 41 -41.65 -1.74 3.28
CA GLN A 41 -41.15 -2.82 2.44
C GLN A 41 -39.80 -3.30 2.95
N THR A 42 -39.69 -4.60 3.18
CA THR A 42 -38.51 -5.18 3.81
C THR A 42 -37.48 -5.56 2.76
N LEU A 43 -36.24 -5.09 2.96
CA LEU A 43 -35.13 -5.38 2.06
C LEU A 43 -33.85 -5.58 2.87
N ASN A 44 -33.00 -6.45 2.35
CA ASN A 44 -31.65 -6.64 2.88
C ASN A 44 -30.68 -5.72 2.16
N ILE A 45 -29.93 -4.94 2.94
CA ILE A 45 -29.08 -3.86 2.43
C ILE A 45 -27.64 -4.13 2.84
N LEU A 46 -26.76 -4.25 1.85
CA LEU A 46 -25.33 -4.41 2.11
C LEU A 46 -24.76 -3.18 2.78
N VAL A 47 -23.95 -3.38 3.83
CA VAL A 47 -23.34 -2.26 4.56
C VAL A 47 -21.98 -1.99 3.97
N ASP A 48 -21.78 -0.78 3.45
CA ASP A 48 -20.62 -0.44 2.63
C ASP A 48 -19.98 0.86 3.14
N THR A 49 -18.88 0.73 3.90
CA THR A 49 -18.18 1.95 4.29
C THR A 49 -17.31 2.51 3.16
N GLY A 50 -17.27 1.85 2.00
CA GLY A 50 -16.47 2.32 0.88
C GLY A 50 -17.22 3.19 -0.11
N SER A 51 -18.47 3.57 0.16
CA SER A 51 -19.22 4.45 -0.73
C SER A 51 -20.25 5.20 0.10
N SER A 52 -21.05 6.03 -0.59
CA SER A 52 -21.90 6.98 0.14
C SER A 52 -23.31 7.10 -0.42
N ASN A 53 -23.72 6.22 -1.33
CA ASN A 53 -25.07 6.24 -1.87
C ASN A 53 -25.90 5.12 -1.24
N PHE A 54 -27.12 5.46 -0.85
CA PHE A 54 -28.11 4.48 -0.47
C PHE A 54 -28.92 4.12 -1.73
N ALA A 55 -28.88 2.85 -2.14
CA ALA A 55 -29.52 2.45 -3.39
C ALA A 55 -30.11 1.05 -3.24
N VAL A 56 -31.24 0.81 -3.91
CA VAL A 56 -31.93 -0.46 -3.80
C VAL A 56 -32.45 -0.90 -5.17
N GLY A 57 -32.43 -2.22 -5.40
CA GLY A 57 -33.14 -2.77 -6.53
C GLY A 57 -34.56 -2.24 -6.59
N ALA A 58 -34.97 -1.71 -7.75
CA ALA A 58 -36.30 -1.13 -7.87
C ALA A 58 -36.98 -1.59 -9.16
N ALA A 59 -36.55 -2.71 -9.71
CA ALA A 59 -37.07 -3.28 -10.94
C ALA A 59 -36.61 -4.74 -10.99
N PRO A 60 -37.34 -5.61 -11.68
CA PRO A 60 -36.96 -7.02 -11.71
C PRO A 60 -35.53 -7.24 -12.19
N HIS A 61 -34.89 -8.25 -11.62
CA HIS A 61 -33.55 -8.63 -12.00
C HIS A 61 -33.47 -10.11 -11.67
N PRO A 62 -32.79 -10.91 -12.48
CA PRO A 62 -32.76 -12.37 -12.22
C PRO A 62 -32.11 -12.75 -10.89
N PHE A 63 -31.31 -11.88 -10.28
CA PHE A 63 -30.66 -12.18 -9.00
C PHE A 63 -31.35 -11.51 -7.82
N LEU A 64 -32.44 -10.77 -8.05
CA LEU A 64 -33.18 -10.11 -6.98
C LEU A 64 -34.40 -10.97 -6.62
N HIS A 65 -34.48 -11.36 -5.36
CA HIS A 65 -35.67 -12.05 -4.86
C HIS A 65 -36.84 -11.09 -4.71
N ARG A 66 -36.54 -9.82 -4.42
CA ARG A 66 -37.55 -8.79 -4.21
C ARG A 66 -36.90 -7.46 -4.57
N TYR A 67 -37.70 -6.41 -4.61
CA TYR A 67 -37.17 -5.10 -4.94
C TYR A 67 -38.14 -4.02 -4.47
N TYR A 68 -37.65 -2.80 -4.47
CA TYR A 68 -38.41 -1.65 -4.00
C TYR A 68 -39.46 -1.28 -5.04
N GLN A 69 -40.70 -1.15 -4.60
CA GLN A 69 -41.80 -0.77 -5.48
C GLN A 69 -42.30 0.60 -5.06
N ARG A 70 -41.82 1.63 -5.77
CA ARG A 70 -42.15 3.00 -5.40
C ARG A 70 -43.65 3.25 -5.52
N GLN A 71 -44.29 2.59 -6.48
CA GLN A 71 -45.73 2.72 -6.71
C GLN A 71 -46.53 2.36 -5.45
N LEU A 72 -46.01 1.44 -4.63
CA LEU A 72 -46.74 0.95 -3.46
C LEU A 72 -46.47 1.73 -2.19
N SER A 73 -45.62 2.75 -2.24
CA SER A 73 -45.28 3.53 -1.05
C SER A 73 -45.98 4.88 -1.10
N SER A 74 -46.79 5.16 -0.09
CA SER A 74 -47.51 6.42 -0.07
C SER A 74 -46.62 7.59 0.35
N THR A 75 -45.45 7.32 0.88
CA THR A 75 -44.52 8.38 1.29
C THR A 75 -43.39 8.61 0.29
N TYR A 76 -43.37 7.87 -0.82
CA TYR A 76 -42.33 8.08 -1.82
C TYR A 76 -42.45 9.45 -2.47
N ARG A 77 -41.30 10.11 -2.67
CA ARG A 77 -41.24 11.35 -3.43
C ARG A 77 -40.19 11.20 -4.52
N ASP A 78 -40.55 11.56 -5.73
CA ASP A 78 -39.62 11.56 -6.85
C ASP A 78 -38.76 12.82 -6.82
N LEU A 79 -37.46 12.66 -7.05
CA LEU A 79 -36.54 13.79 -7.14
C LEU A 79 -36.30 14.25 -8.56
N ARG A 80 -36.84 13.57 -9.56
CA ARG A 80 -36.76 14.00 -10.96
C ARG A 80 -35.30 14.20 -11.37
N LYS A 81 -34.44 13.25 -10.96
CA LYS A 81 -33.02 13.31 -11.25
C LYS A 81 -32.48 11.88 -11.39
N GLY A 82 -31.64 11.65 -12.40
CA GLY A 82 -31.00 10.36 -12.55
C GLY A 82 -29.73 10.25 -11.70
N VAL A 83 -29.18 9.04 -11.67
CA VAL A 83 -27.97 8.78 -10.90
C VAL A 83 -27.33 7.50 -11.41
N TYR A 84 -26.00 7.44 -11.38
CA TYR A 84 -25.26 6.22 -11.67
C TYR A 84 -24.04 6.17 -10.75
N VAL A 85 -23.65 4.96 -10.34
CA VAL A 85 -22.46 4.80 -9.50
C VAL A 85 -21.57 3.72 -10.09
N PRO A 86 -20.34 4.08 -10.53
CA PRO A 86 -19.38 3.06 -10.96
C PRO A 86 -18.43 2.70 -9.81
N TYR A 87 -18.49 1.45 -9.35
CA TYR A 87 -17.57 0.97 -8.33
C TYR A 87 -16.34 0.38 -9.01
N THR A 88 -15.38 -0.09 -8.21
CA THR A 88 -14.26 -0.84 -8.76
C THR A 88 -14.77 -2.06 -9.53
N GLN A 89 -15.64 -2.84 -8.90
CA GLN A 89 -16.34 -3.95 -9.53
C GLN A 89 -17.83 -3.70 -9.45
N GLY A 90 -18.47 -3.56 -10.61
CA GLY A 90 -19.91 -3.41 -10.68
C GLY A 90 -20.33 -1.96 -10.80
N LYS A 91 -21.49 -1.74 -11.41
CA LYS A 91 -22.07 -0.42 -11.49
C LYS A 91 -23.59 -0.56 -11.64
N TRP A 92 -24.29 0.53 -11.33
CA TRP A 92 -25.73 0.57 -11.52
C TRP A 92 -26.13 2.00 -11.87
N GLU A 93 -27.33 2.14 -12.40
CA GLU A 93 -27.93 3.43 -12.64
C GLU A 93 -29.38 3.36 -12.18
N GLY A 94 -29.97 4.52 -11.91
CA GLY A 94 -31.35 4.55 -11.48
C GLY A 94 -31.87 5.96 -11.32
N GLU A 95 -32.95 6.08 -10.54
CA GLU A 95 -33.68 7.33 -10.38
C GLU A 95 -33.65 7.74 -8.92
N LEU A 96 -33.34 9.00 -8.65
CA LEU A 96 -33.32 9.50 -7.28
C LEU A 96 -34.72 9.80 -6.75
N GLY A 97 -34.90 9.58 -5.46
CA GLY A 97 -36.11 9.91 -4.74
C GLY A 97 -35.81 9.88 -3.25
N THR A 98 -36.82 10.23 -2.46
CA THR A 98 -36.74 10.08 -1.02
C THR A 98 -37.90 9.22 -0.54
N ASP A 99 -37.71 8.61 0.63
CA ASP A 99 -38.76 7.83 1.26
C ASP A 99 -38.36 7.63 2.72
N LEU A 100 -39.30 7.12 3.50
CA LEU A 100 -39.05 6.85 4.91
C LEU A 100 -38.36 5.50 5.06
N VAL A 101 -37.37 5.44 5.95
CA VAL A 101 -36.52 4.26 6.09
C VAL A 101 -36.40 3.91 7.56
N SER A 102 -36.46 2.63 7.87
CA SER A 102 -36.24 2.15 9.22
C SER A 102 -35.29 0.97 9.21
N ILE A 103 -34.67 0.74 10.36
CA ILE A 103 -33.80 -0.40 10.59
C ILE A 103 -34.37 -1.21 11.73
N PRO A 104 -35.10 -2.30 11.43
CA PRO A 104 -35.78 -3.04 12.52
C PRO A 104 -34.87 -3.44 13.67
N HIS A 105 -33.69 -3.99 13.38
CA HIS A 105 -32.71 -4.32 14.43
C HIS A 105 -31.66 -3.23 14.54
N GLY A 106 -32.16 -2.02 14.66
CA GLY A 106 -31.35 -0.85 14.80
C GLY A 106 -32.02 0.09 15.76
N PRO A 107 -31.66 1.37 15.72
CA PRO A 107 -32.33 2.34 16.59
C PRO A 107 -33.81 2.43 16.23
N ASN A 108 -34.60 2.87 17.19
CA ASN A 108 -36.04 2.89 17.01
C ASN A 108 -36.46 4.25 16.44
N VAL A 109 -36.09 4.49 15.19
CA VAL A 109 -36.36 5.75 14.52
C VAL A 109 -36.74 5.49 13.06
N THR A 110 -37.25 6.54 12.43
CA THR A 110 -37.59 6.53 11.01
C THR A 110 -37.09 7.83 10.41
N VAL A 111 -36.36 7.73 9.31
CA VAL A 111 -35.75 8.90 8.69
C VAL A 111 -36.23 8.99 7.25
N ARG A 112 -36.36 10.23 6.77
CA ARG A 112 -36.57 10.44 5.35
C ARG A 112 -35.20 10.51 4.70
N ALA A 113 -34.92 9.58 3.80
CA ALA A 113 -33.59 9.42 3.26
C ALA A 113 -33.61 9.49 1.74
N ASN A 114 -32.50 9.96 1.17
CA ASN A 114 -32.30 9.83 -0.26
C ASN A 114 -32.18 8.35 -0.62
N ILE A 115 -32.84 7.96 -1.71
CA ILE A 115 -32.79 6.59 -2.19
C ILE A 115 -32.63 6.59 -3.70
N ALA A 116 -31.60 5.90 -4.18
CA ALA A 116 -31.44 5.66 -5.61
C ALA A 116 -32.15 4.34 -5.95
N ALA A 117 -33.20 4.44 -6.76
CA ALA A 117 -33.97 3.29 -7.21
C ALA A 117 -33.26 2.67 -8.41
N ILE A 118 -32.65 1.51 -8.23
CA ILE A 118 -31.81 0.93 -9.28
C ILE A 118 -32.70 0.33 -10.37
N THR A 119 -32.58 0.85 -11.58
CA THR A 119 -33.32 0.34 -12.73
C THR A 119 -32.49 -0.50 -13.67
N GLU A 120 -31.18 -0.26 -13.73
CA GLU A 120 -30.26 -1.11 -14.47
C GLU A 120 -28.95 -1.22 -13.72
N SER A 121 -28.28 -2.35 -13.91
CA SER A 121 -27.05 -2.65 -13.22
C SER A 121 -26.23 -3.61 -14.07
N ASP A 122 -24.93 -3.67 -13.78
CA ASP A 122 -23.98 -4.50 -14.50
C ASP A 122 -22.99 -5.07 -13.48
N LYS A 123 -23.05 -6.39 -13.25
CA LYS A 123 -22.15 -7.08 -12.32
C LYS A 123 -22.17 -6.48 -10.92
N PHE A 124 -23.35 -6.03 -10.48
CA PHE A 124 -23.51 -5.47 -9.15
C PHE A 124 -24.20 -6.47 -8.21
N PHE A 125 -25.42 -6.87 -8.54
CA PHE A 125 -26.08 -7.90 -7.76
C PHE A 125 -25.43 -9.25 -8.01
N ILE A 126 -25.43 -10.10 -6.99
CA ILE A 126 -24.72 -11.37 -7.00
C ILE A 126 -25.74 -12.49 -6.90
N ASN A 127 -25.61 -13.49 -7.77
CA ASN A 127 -26.54 -14.61 -7.81
C ASN A 127 -26.65 -15.28 -6.44
N GLY A 128 -27.84 -15.20 -5.82
CA GLY A 128 -28.07 -15.83 -4.53
C GLY A 128 -27.39 -15.17 -3.36
N SER A 129 -27.18 -13.84 -3.40
CA SER A 129 -26.46 -13.17 -2.32
C SER A 129 -27.36 -12.90 -1.12
N ASN A 130 -28.66 -12.76 -1.35
CA ASN A 130 -29.73 -12.47 -0.40
C ASN A 130 -29.81 -10.99 -0.03
N TRP A 131 -29.05 -10.10 -0.66
CA TRP A 131 -29.27 -8.68 -0.44
C TRP A 131 -29.73 -8.01 -1.73
N GLU A 132 -30.49 -6.93 -1.55
CA GLU A 132 -31.18 -6.25 -2.63
C GLU A 132 -30.80 -4.78 -2.78
N GLY A 133 -29.94 -4.26 -1.93
CA GLY A 133 -29.55 -2.85 -1.99
C GLY A 133 -28.25 -2.64 -1.26
N ILE A 134 -27.84 -1.38 -1.19
CA ILE A 134 -26.55 -1.02 -0.62
C ILE A 134 -26.71 0.25 0.21
N LEU A 135 -26.06 0.26 1.38
CA LEU A 135 -26.03 1.40 2.29
C LEU A 135 -24.61 1.94 2.30
N GLY A 136 -24.37 3.00 1.53
CA GLY A 136 -23.07 3.64 1.54
C GLY A 136 -22.91 4.49 2.78
N LEU A 137 -21.95 4.13 3.64
CA LEU A 137 -21.84 4.80 4.94
C LEU A 137 -20.77 5.89 4.99
N ALA A 138 -20.06 6.14 3.89
CA ALA A 138 -19.02 7.17 3.87
C ALA A 138 -19.64 8.56 3.63
N TYR A 139 -18.81 9.54 3.34
CA TYR A 139 -19.23 10.94 3.42
C TYR A 139 -19.71 11.49 2.08
N ALA A 140 -20.40 12.63 2.17
CA ALA A 140 -21.06 13.22 1.01
C ALA A 140 -20.09 13.52 -0.13
N GLU A 141 -18.82 13.74 0.19
CA GLU A 141 -17.85 14.16 -0.83
C GLU A 141 -17.70 13.13 -1.96
N ILE A 142 -17.97 11.84 -1.71
CA ILE A 142 -17.90 10.86 -2.78
C ILE A 142 -19.28 10.35 -3.20
N ALA A 143 -20.35 11.02 -2.79
CA ALA A 143 -21.70 10.65 -3.22
C ALA A 143 -21.91 11.03 -4.68
N ARG A 144 -22.69 10.16 -5.44
CA ARG A 144 -23.13 10.54 -6.77
C ARG A 144 -24.59 11.01 -6.75
N PRO A 145 -24.99 11.95 -7.64
CA PRO A 145 -24.22 12.60 -8.71
C PRO A 145 -23.16 13.58 -8.22
N ASP A 146 -23.31 14.08 -7.00
CA ASP A 146 -22.36 15.01 -6.41
C ASP A 146 -22.63 15.07 -4.91
N ASP A 147 -21.84 15.90 -4.21
CA ASP A 147 -21.88 15.91 -2.74
C ASP A 147 -23.11 16.60 -2.17
N SER A 148 -24.03 17.06 -3.01
CA SER A 148 -25.26 17.63 -2.50
C SER A 148 -26.31 16.58 -2.16
N LEU A 149 -26.10 15.32 -2.57
CA LEU A 149 -27.00 14.25 -2.19
C LEU A 149 -26.60 13.75 -0.81
N GLU A 150 -27.34 14.16 0.21
CA GLU A 150 -27.06 13.79 1.59
C GLU A 150 -27.05 12.28 1.81
N PRO A 151 -25.96 11.69 2.27
CA PRO A 151 -25.94 10.25 2.55
C PRO A 151 -26.86 9.88 3.71
N PHE A 152 -27.23 8.60 3.74
CA PHE A 152 -28.18 8.10 4.74
C PHE A 152 -27.76 8.44 6.16
N PHE A 153 -26.49 8.17 6.51
CA PHE A 153 -26.11 8.35 7.91
C PHE A 153 -26.14 9.83 8.30
N ASP A 154 -25.79 10.73 7.39
CA ASP A 154 -25.93 12.15 7.68
C ASP A 154 -27.39 12.50 7.95
N SER A 155 -28.32 11.96 7.13
CA SER A 155 -29.75 12.19 7.36
C SER A 155 -30.19 11.63 8.70
N LEU A 156 -29.72 10.43 9.05
CA LEU A 156 -30.06 9.82 10.33
C LEU A 156 -29.63 10.72 11.48
N VAL A 157 -28.38 11.19 11.46
CA VAL A 157 -27.87 12.05 12.53
C VAL A 157 -28.61 13.40 12.54
N LYS A 158 -28.94 13.92 11.35
CA LYS A 158 -29.60 15.21 11.30
C LYS A 158 -31.01 15.14 11.87
N GLN A 159 -31.74 14.07 11.58
CA GLN A 159 -33.16 13.97 11.91
C GLN A 159 -33.46 13.30 13.25
N THR A 160 -32.49 12.60 13.85
CA THR A 160 -32.76 11.94 15.11
C THR A 160 -31.75 12.34 16.18
N HIS A 161 -31.82 11.71 17.34
CA HIS A 161 -30.84 11.93 18.41
C HIS A 161 -29.74 10.87 18.43
N VAL A 162 -29.69 10.02 17.41
CA VAL A 162 -28.62 9.03 17.26
C VAL A 162 -27.28 9.73 17.23
N PRO A 163 -26.36 9.40 18.13
CA PRO A 163 -25.02 9.99 18.09
C PRO A 163 -24.29 9.68 16.78
N ASN A 164 -23.34 10.54 16.44
CA ASN A 164 -22.69 10.51 15.13
C ASN A 164 -21.51 9.54 15.15
N LEU A 165 -21.85 8.26 15.28
CA LEU A 165 -20.85 7.21 15.14
C LEU A 165 -21.56 5.88 15.03
N PHE A 166 -20.86 4.91 14.44
CA PHE A 166 -21.35 3.55 14.37
C PHE A 166 -20.14 2.64 14.45
N SER A 167 -20.37 1.38 14.74
CA SER A 167 -19.28 0.43 14.83
C SER A 167 -19.66 -0.87 14.14
N LEU A 168 -18.66 -1.56 13.57
CA LEU A 168 -18.87 -2.76 12.78
C LEU A 168 -18.04 -3.89 13.37
N GLN A 169 -18.72 -4.99 13.69
CA GLN A 169 -18.08 -6.23 14.10
C GLN A 169 -18.40 -7.26 13.02
N LEU A 170 -17.45 -7.50 12.12
CA LEU A 170 -17.63 -8.46 11.04
C LEU A 170 -16.98 -9.77 11.44
N CYS A 171 -17.74 -10.85 11.44
CA CYS A 171 -17.26 -12.13 11.92
C CYS A 171 -17.02 -13.10 10.76
N GLY A 172 -16.02 -13.95 10.91
CA GLY A 172 -15.55 -14.79 9.83
C GLY A 172 -16.41 -16.01 9.57
N ALA A 173 -15.83 -16.92 8.77
CA ALA A 173 -16.53 -18.11 8.28
C ALA A 173 -16.83 -19.14 9.37
N SER A 185 -24.03 -18.13 6.55
CA SER A 185 -22.61 -18.46 6.49
C SER A 185 -21.76 -17.55 7.42
N VAL A 186 -21.89 -16.23 7.29
CA VAL A 186 -21.20 -15.29 8.15
C VAL A 186 -22.21 -14.35 8.82
N GLY A 187 -21.80 -13.76 9.93
CA GLY A 187 -22.62 -12.82 10.66
C GLY A 187 -21.79 -11.68 11.22
N GLY A 188 -22.47 -10.80 11.96
CA GLY A 188 -21.79 -9.69 12.59
C GLY A 188 -22.79 -8.71 13.19
N SER A 189 -22.27 -7.58 13.63
CA SER A 189 -23.07 -6.55 14.25
C SER A 189 -22.70 -5.18 13.68
N MET A 190 -23.71 -4.39 13.40
CA MET A 190 -23.56 -2.97 13.14
C MET A 190 -24.24 -2.24 14.28
N ILE A 191 -23.44 -1.69 15.19
CA ILE A 191 -23.97 -0.89 16.30
C ILE A 191 -24.13 0.55 15.80
N ILE A 192 -25.38 0.97 15.62
CA ILE A 192 -25.68 2.30 15.12
C ILE A 192 -25.82 3.23 16.31
N GLY A 193 -24.96 4.24 16.37
CA GLY A 193 -25.01 5.24 17.41
C GLY A 193 -24.09 5.02 18.60
N GLY A 194 -23.25 3.98 18.60
CA GLY A 194 -22.38 3.79 19.73
C GLY A 194 -21.48 2.58 19.65
N ILE A 195 -20.95 2.24 20.82
CA ILE A 195 -19.94 1.21 21.02
C ILE A 195 -20.52 0.21 22.01
N ASP A 196 -20.55 -1.05 21.65
CA ASP A 196 -21.05 -2.09 22.56
C ASP A 196 -19.83 -2.82 23.10
N HIS A 197 -19.58 -2.63 24.39
CA HIS A 197 -18.34 -3.11 24.96
C HIS A 197 -18.28 -4.62 25.09
N SER A 198 -19.42 -5.31 24.94
CA SER A 198 -19.37 -6.76 24.96
C SER A 198 -18.92 -7.36 23.63
N LEU A 199 -18.65 -6.54 22.61
CA LEU A 199 -18.22 -7.06 21.32
C LEU A 199 -16.70 -7.08 21.14
N TYR A 200 -15.91 -6.63 22.12
CA TYR A 200 -14.46 -6.64 21.93
C TYR A 200 -13.76 -6.83 23.27
N THR A 201 -12.48 -7.18 23.20
CA THR A 201 -11.61 -7.25 24.36
C THR A 201 -10.42 -6.32 24.19
N GLY A 202 -9.77 -6.00 25.31
CA GLY A 202 -8.61 -5.14 25.30
C GLY A 202 -8.99 -3.68 25.10
N SER A 203 -8.00 -2.90 24.64
CA SER A 203 -8.19 -1.48 24.42
C SER A 203 -8.55 -1.20 22.96
N LEU A 204 -9.34 -0.16 22.77
CA LEU A 204 -9.54 0.42 21.46
C LEU A 204 -8.36 1.31 21.11
N TRP A 205 -7.80 1.15 19.92
CA TRP A 205 -6.77 2.04 19.40
C TRP A 205 -7.32 2.82 18.22
N TYR A 206 -7.09 4.14 18.22
CA TYR A 206 -7.71 5.04 17.25
C TYR A 206 -6.69 5.63 16.28
N THR A 207 -7.10 5.71 15.03
CA THR A 207 -6.34 6.37 13.99
C THR A 207 -7.17 7.51 13.41
N PRO A 208 -6.55 8.65 13.08
CA PRO A 208 -7.34 9.79 12.57
C PRO A 208 -7.98 9.45 11.23
N ILE A 209 -9.20 9.92 11.04
CA ILE A 209 -9.75 9.98 9.69
C ILE A 209 -9.05 11.14 8.99
N ARG A 210 -8.24 10.85 7.96
CA ARG A 210 -7.40 11.90 7.40
C ARG A 210 -8.24 12.99 6.74
N ARG A 211 -9.29 12.58 6.05
CA ARG A 211 -10.14 13.50 5.30
C ARG A 211 -11.50 12.83 5.19
N GLU A 212 -12.57 13.61 5.31
CA GLU A 212 -13.92 13.06 5.32
C GLU A 212 -14.46 12.91 3.90
N TRP A 213 -14.05 11.83 3.23
CA TRP A 213 -14.67 11.46 1.96
C TRP A 213 -14.86 9.94 1.98
N TYR A 214 -13.87 9.17 1.54
CA TYR A 214 -13.74 7.80 2.05
C TYR A 214 -13.43 7.85 3.54
N TYR A 215 -13.46 6.69 4.20
CA TYR A 215 -12.85 6.59 5.53
C TYR A 215 -11.35 6.40 5.33
N GLU A 216 -10.66 7.52 5.10
CA GLU A 216 -9.26 7.52 4.76
C GLU A 216 -8.38 7.55 6.00
N VAL A 217 -7.38 6.68 6.03
CA VAL A 217 -6.42 6.57 7.12
C VAL A 217 -5.00 6.58 6.56
N ILE A 218 -4.02 6.63 7.44
CA ILE A 218 -2.62 6.65 7.05
C ILE A 218 -1.90 5.44 7.66
N ILE A 219 -1.35 4.58 6.81
CA ILE A 219 -0.51 3.45 7.22
C ILE A 219 0.94 3.92 7.31
N VAL A 220 1.59 3.70 8.46
CA VAL A 220 2.92 4.26 8.66
C VAL A 220 4.02 3.23 8.65
N ARG A 221 3.70 1.93 8.65
CA ARG A 221 4.71 0.87 8.67
C ARG A 221 4.00 -0.44 8.34
N VAL A 222 4.70 -1.34 7.64
CA VAL A 222 4.19 -2.67 7.37
C VAL A 222 5.29 -3.68 7.69
N GLU A 223 4.93 -4.71 8.45
CA GLU A 223 5.82 -5.80 8.79
C GLU A 223 5.15 -7.11 8.43
N ILE A 224 5.95 -8.07 7.97
CA ILE A 224 5.50 -9.42 7.68
C ILE A 224 6.36 -10.40 8.49
N ASN A 225 5.72 -11.17 9.37
CA ASN A 225 6.43 -12.05 10.31
C ASN A 225 7.49 -11.27 11.09
N GLY A 226 7.18 -10.03 11.47
CA GLY A 226 8.09 -9.23 12.26
C GLY A 226 9.19 -8.52 11.50
N GLN A 227 9.25 -8.65 10.18
CA GLN A 227 10.26 -8.04 9.35
C GLN A 227 9.67 -6.85 8.61
N ASP A 228 10.30 -5.69 8.75
CA ASP A 228 9.81 -4.49 8.11
C ASP A 228 9.97 -4.61 6.60
N LEU A 229 8.91 -4.26 5.84
CA LEU A 229 9.03 -4.20 4.39
C LEU A 229 9.99 -3.10 3.95
N LYS A 230 10.30 -2.15 4.82
CA LYS A 230 11.28 -1.08 4.57
C LYS A 230 11.09 -0.43 3.21
N MET A 231 9.86 0.03 2.96
CA MET A 231 9.53 0.90 1.84
C MET A 231 9.27 2.29 2.38
N ASP A 232 9.42 3.29 1.51
CA ASP A 232 8.92 4.62 1.82
C ASP A 232 7.45 4.50 2.22
N CYS A 233 7.12 4.99 3.41
CA CYS A 233 5.78 4.76 3.92
C CYS A 233 4.72 5.43 3.06
N LYS A 234 5.11 6.42 2.23
CA LYS A 234 4.18 6.97 1.25
C LYS A 234 3.66 5.91 0.30
N GLU A 235 4.47 4.88 -0.01
CA GLU A 235 4.03 3.81 -0.90
C GLU A 235 2.80 3.09 -0.33
N TYR A 236 2.71 2.98 1.00
CA TYR A 236 1.59 2.28 1.60
C TYR A 236 0.28 3.03 1.36
N ASN A 237 0.36 4.35 1.14
CA ASN A 237 -0.83 5.19 1.04
C ASN A 237 -0.94 5.87 -0.33
N TYR A 238 -0.39 5.24 -1.35
CA TYR A 238 -0.39 5.78 -2.71
C TYR A 238 -1.52 5.15 -3.49
N ASP A 239 -2.57 5.92 -3.82
CA ASP A 239 -2.70 7.35 -3.52
C ASP A 239 -3.63 7.65 -2.32
N LYS A 240 -4.09 6.59 -1.67
CA LYS A 240 -4.88 6.74 -0.45
C LYS A 240 -4.96 5.38 0.21
N SER A 241 -5.36 5.37 1.46
CA SER A 241 -5.67 4.13 2.16
C SER A 241 -7.05 4.31 2.77
N ILE A 242 -7.95 3.34 2.55
CA ILE A 242 -9.31 3.46 3.03
C ILE A 242 -9.74 2.18 3.76
N VAL A 243 -10.74 2.34 4.63
CA VAL A 243 -11.37 1.22 5.32
C VAL A 243 -12.72 0.96 4.65
N ASP A 244 -12.90 -0.24 4.11
CA ASP A 244 -13.97 -0.49 3.12
C ASP A 244 -14.64 -1.84 3.40
N SER A 245 -15.75 -1.82 4.15
CA SER A 245 -16.48 -3.06 4.41
C SER A 245 -17.11 -3.64 3.16
N GLY A 246 -17.17 -2.88 2.07
CA GLY A 246 -17.75 -3.34 0.82
C GLY A 246 -16.80 -3.96 -0.16
N THR A 247 -15.53 -4.11 0.21
CA THR A 247 -14.54 -4.81 -0.61
C THR A 247 -14.05 -6.01 0.20
N THR A 248 -13.98 -7.17 -0.45
CA THR A 248 -13.61 -8.38 0.26
C THR A 248 -12.13 -8.36 0.66
N ASN A 249 -11.25 -8.10 -0.31
CA ASN A 249 -9.84 -8.34 -0.14
C ASN A 249 -9.12 -7.18 0.57
N LEU A 250 -7.94 -7.50 1.06
CA LEU A 250 -6.91 -6.50 1.25
C LEU A 250 -6.31 -6.18 -0.13
N ARG A 251 -6.42 -4.94 -0.56
CA ARG A 251 -5.88 -4.52 -1.84
C ARG A 251 -4.75 -3.53 -1.61
N LEU A 252 -3.64 -3.75 -2.30
CA LEU A 252 -2.39 -3.05 -2.06
C LEU A 252 -1.88 -2.40 -3.33
N PRO A 253 -1.34 -1.17 -3.25
CA PRO A 253 -0.68 -0.58 -4.41
C PRO A 253 0.36 -1.54 -4.99
N LYS A 254 0.55 -1.43 -6.32
CA LYS A 254 1.35 -2.40 -7.06
C LYS A 254 2.70 -2.67 -6.39
N LYS A 255 3.44 -1.62 -6.06
CA LYS A 255 4.76 -1.83 -5.46
C LYS A 255 4.67 -2.55 -4.11
N VAL A 256 3.66 -2.21 -3.30
CA VAL A 256 3.50 -2.84 -2.01
C VAL A 256 3.00 -4.27 -2.17
N PHE A 257 2.05 -4.49 -3.10
CA PHE A 257 1.58 -5.84 -3.39
C PHE A 257 2.74 -6.77 -3.75
N GLU A 258 3.62 -6.30 -4.62
CA GLU A 258 4.73 -7.14 -5.08
C GLU A 258 5.68 -7.48 -3.94
N ALA A 259 6.03 -6.50 -3.12
CA ALA A 259 6.88 -6.79 -1.97
C ALA A 259 6.21 -7.77 -1.02
N ALA A 260 4.90 -7.64 -0.81
CA ALA A 260 4.22 -8.52 0.13
C ALA A 260 4.11 -9.94 -0.40
N VAL A 261 3.75 -10.11 -1.69
CA VAL A 261 3.63 -11.45 -2.26
C VAL A 261 4.98 -12.15 -2.24
N LYS A 262 6.04 -11.43 -2.60
CA LYS A 262 7.38 -12.00 -2.55
C LYS A 262 7.70 -12.52 -1.17
N SER A 263 7.36 -11.74 -0.15
CA SER A 263 7.65 -12.14 1.23
C SER A 263 6.78 -13.32 1.66
N ILE A 264 5.51 -13.32 1.25
CA ILE A 264 4.62 -14.43 1.62
C ILE A 264 4.98 -15.69 0.84
N LYS A 265 5.37 -15.54 -0.43
CA LYS A 265 5.87 -16.68 -1.19
C LYS A 265 7.04 -17.34 -0.48
N ALA A 266 8.03 -16.53 -0.08
CA ALA A 266 9.22 -17.08 0.55
C ALA A 266 8.88 -17.80 1.85
N ALA A 267 7.98 -17.20 2.65
CA ALA A 267 7.63 -17.82 3.93
C ALA A 267 6.92 -19.15 3.73
N SER A 268 6.24 -19.34 2.60
CA SER A 268 5.49 -20.55 2.35
C SER A 268 6.12 -21.43 1.28
N SER A 269 7.38 -21.20 0.91
CA SER A 269 8.01 -21.95 -0.17
C SER A 269 8.18 -23.43 0.15
N THR A 270 7.93 -23.85 1.40
CA THR A 270 7.82 -25.27 1.70
C THR A 270 6.91 -25.98 0.71
N GLU A 271 5.75 -25.39 0.46
CA GLU A 271 4.84 -25.88 -0.55
C GLU A 271 4.88 -24.94 -1.75
N LYS A 272 4.34 -25.39 -2.86
CA LYS A 272 4.27 -24.54 -4.03
C LYS A 272 2.83 -24.50 -4.52
N PHE A 273 2.49 -23.35 -5.09
CA PHE A 273 1.15 -23.00 -5.50
C PHE A 273 1.21 -22.50 -6.93
N PRO A 274 0.16 -22.72 -7.71
CA PRO A 274 0.09 -22.07 -9.02
C PRO A 274 0.15 -20.57 -8.86
N ASP A 275 0.89 -19.90 -9.76
CA ASP A 275 0.96 -18.45 -9.65
C ASP A 275 -0.37 -17.78 -9.95
N GLY A 276 -1.33 -18.49 -10.55
CA GLY A 276 -2.69 -18.00 -10.60
C GLY A 276 -3.36 -17.97 -9.24
N PHE A 277 -2.89 -18.79 -8.30
CA PHE A 277 -3.35 -18.66 -6.92
C PHE A 277 -2.94 -17.32 -6.33
N TRP A 278 -1.69 -16.88 -6.57
CA TRP A 278 -1.20 -15.60 -6.07
C TRP A 278 -1.86 -14.41 -6.75
N LEU A 279 -2.53 -14.60 -7.89
CA LEU A 279 -3.30 -13.56 -8.54
C LEU A 279 -4.75 -13.56 -8.09
N GLY A 280 -5.12 -14.44 -7.16
CA GLY A 280 -6.46 -14.45 -6.63
C GLY A 280 -7.45 -15.24 -7.45
N GLU A 281 -7.00 -15.92 -8.49
CA GLU A 281 -7.88 -16.68 -9.39
C GLU A 281 -8.02 -18.13 -8.93
N GLN A 282 -6.93 -18.89 -9.03
CA GLN A 282 -6.95 -20.31 -8.67
C GLN A 282 -7.04 -20.47 -7.15
N LEU A 283 -7.91 -21.37 -6.70
CA LEU A 283 -7.95 -21.76 -5.30
C LEU A 283 -6.94 -22.87 -5.04
N VAL A 284 -6.57 -23.03 -3.77
CA VAL A 284 -5.69 -24.10 -3.35
C VAL A 284 -6.41 -24.92 -2.28
N CYS A 285 -6.18 -26.23 -2.28
CA CYS A 285 -6.85 -27.11 -1.34
C CYS A 285 -5.84 -27.98 -0.60
N TRP A 286 -6.26 -28.42 0.57
CA TRP A 286 -5.53 -29.37 1.38
C TRP A 286 -6.53 -30.34 2.00
N GLN A 287 -6.03 -31.51 2.37
CA GLN A 287 -6.85 -32.50 3.05
C GLN A 287 -7.45 -31.89 4.31
N ALA A 288 -8.76 -32.07 4.49
CA ALA A 288 -9.52 -31.44 5.56
C ALA A 288 -8.78 -31.49 6.88
N GLY A 289 -8.57 -30.32 7.48
CA GLY A 289 -7.90 -30.22 8.75
C GLY A 289 -6.39 -30.16 8.70
N THR A 290 -5.79 -30.22 7.51
CA THR A 290 -4.33 -30.24 7.38
C THR A 290 -3.77 -28.99 6.72
N THR A 291 -4.54 -27.91 6.62
CA THR A 291 -4.02 -26.65 6.11
C THR A 291 -2.77 -26.27 6.90
N PRO A 292 -1.65 -25.99 6.25
CA PRO A 292 -0.40 -25.66 6.97
C PRO A 292 -0.35 -24.17 7.35
N TRP A 293 -1.20 -23.77 8.29
CA TRP A 293 -1.28 -22.35 8.66
C TRP A 293 0.08 -21.79 9.09
N ASN A 294 0.93 -22.61 9.71
CA ASN A 294 2.19 -22.13 10.27
C ASN A 294 3.14 -21.55 9.22
N ILE A 295 3.01 -21.95 7.95
CA ILE A 295 3.94 -21.48 6.92
C ILE A 295 3.51 -20.16 6.29
N PHE A 296 2.33 -19.68 6.63
CA PHE A 296 1.91 -18.37 6.16
C PHE A 296 2.19 -17.33 7.22
N PRO A 297 2.80 -16.21 6.86
CA PRO A 297 3.18 -15.20 7.86
C PRO A 297 2.00 -14.36 8.31
N VAL A 298 2.19 -13.70 9.47
CA VAL A 298 1.27 -12.65 9.91
C VAL A 298 1.71 -11.34 9.29
N ILE A 299 0.73 -10.49 9.00
CA ILE A 299 0.95 -9.14 8.48
C ILE A 299 0.56 -8.12 9.53
N SER A 300 1.46 -7.21 9.85
CA SER A 300 1.21 -6.13 10.78
C SER A 300 1.13 -4.81 10.01
N LEU A 301 0.00 -4.13 10.14
CA LEU A 301 -0.21 -2.79 9.59
C LEU A 301 -0.17 -1.81 10.76
N TYR A 302 0.77 -0.87 10.72
CA TYR A 302 0.87 0.20 11.71
C TYR A 302 0.11 1.41 11.18
N LEU A 303 -0.75 1.98 12.03
CA LEU A 303 -1.60 3.11 11.72
C LEU A 303 -1.20 4.32 12.56
N MET A 304 -1.31 5.51 11.96
CA MET A 304 -1.11 6.75 12.70
C MET A 304 -2.01 6.79 13.93
N GLY A 305 -1.42 7.15 15.07
CA GLY A 305 -2.14 7.25 16.33
C GLY A 305 -2.73 8.63 16.56
N GLU A 306 -3.23 8.83 17.78
CA GLU A 306 -3.83 10.09 18.20
C GLU A 306 -2.84 11.12 18.78
N VAL A 307 -1.64 10.71 19.19
CA VAL A 307 -0.71 11.67 19.78
C VAL A 307 0.59 11.71 18.97
N THR A 308 1.37 12.78 19.19
CA THR A 308 2.53 13.08 18.37
C THR A 308 3.49 11.89 18.36
N ASN A 309 3.93 11.50 17.16
CA ASN A 309 4.90 10.43 16.98
C ASN A 309 4.42 9.08 17.54
N GLN A 310 3.12 8.87 17.72
CA GLN A 310 2.61 7.61 18.24
C GLN A 310 1.77 6.90 17.19
N SER A 311 2.01 5.61 17.04
CA SER A 311 1.25 4.73 16.17
C SER A 311 0.80 3.51 16.95
N PHE A 312 0.07 2.61 16.29
CA PHE A 312 -0.31 1.34 16.87
C PHE A 312 -0.40 0.35 15.72
N ARG A 313 -0.42 -0.94 16.03
CA ARG A 313 -0.48 -1.92 14.95
C ARG A 313 -1.65 -2.86 15.12
N ILE A 314 -2.16 -3.31 13.99
CA ILE A 314 -3.08 -4.44 13.95
C ILE A 314 -2.35 -5.59 13.25
N THR A 315 -2.49 -6.79 13.79
CA THR A 315 -1.83 -7.94 13.21
C THR A 315 -2.87 -8.86 12.60
N ILE A 316 -2.62 -9.27 11.35
CA ILE A 316 -3.55 -10.05 10.55
C ILE A 316 -3.02 -11.49 10.43
N LEU A 317 -3.88 -12.48 10.72
CA LEU A 317 -3.50 -13.88 10.60
C LEU A 317 -3.74 -14.40 9.19
N PRO A 318 -3.03 -15.47 8.78
CA PRO A 318 -3.35 -16.09 7.48
C PRO A 318 -4.78 -16.56 7.35
N GLN A 319 -5.41 -16.95 8.46
CA GLN A 319 -6.83 -17.29 8.43
C GLN A 319 -7.70 -16.13 7.93
N GLN A 320 -7.20 -14.90 7.93
CA GLN A 320 -7.99 -13.82 7.37
C GLN A 320 -7.73 -13.63 5.88
N TYR A 321 -6.47 -13.70 5.45
CA TYR A 321 -6.20 -13.42 4.04
C TYR A 321 -6.17 -14.69 3.18
N LEU A 322 -6.46 -15.85 3.75
CA LEU A 322 -6.78 -17.04 2.96
C LEU A 322 -8.27 -17.28 3.17
N ARG A 323 -9.08 -16.75 2.24
CA ARG A 323 -10.52 -16.80 2.39
C ARG A 323 -11.02 -18.17 1.96
N PRO A 324 -11.75 -18.89 2.81
CA PRO A 324 -12.20 -20.25 2.45
C PRO A 324 -13.30 -20.20 1.40
N VAL A 325 -13.23 -21.13 0.45
CA VAL A 325 -14.18 -21.23 -0.65
C VAL A 325 -14.58 -22.69 -0.84
N GLU A 326 -15.72 -22.90 -1.51
CA GLU A 326 -16.25 -24.24 -1.71
C GLU A 326 -15.35 -25.10 -2.58
N ASP A 327 -15.26 -26.39 -2.24
CA ASP A 327 -14.39 -27.32 -2.95
C ASP A 327 -14.83 -27.50 -4.40
N VAL A 328 -13.88 -27.28 -5.32
CA VAL A 328 -14.14 -27.46 -6.75
C VAL A 328 -14.14 -28.92 -7.17
N ALA A 329 -13.81 -29.85 -6.28
CA ALA A 329 -13.78 -31.27 -6.58
C ALA A 329 -14.86 -32.01 -5.79
N THR A 330 -14.88 -33.34 -5.94
CA THR A 330 -15.80 -34.20 -5.20
C THR A 330 -15.22 -34.63 -3.86
N SER A 331 -14.38 -33.80 -3.25
CA SER A 331 -13.71 -34.13 -2.01
C SER A 331 -14.23 -33.23 -0.90
N GLN A 332 -13.86 -33.57 0.32
CA GLN A 332 -14.14 -32.72 1.47
C GLN A 332 -12.87 -32.03 1.94
N ASP A 333 -12.18 -31.40 0.99
CA ASP A 333 -10.96 -30.67 1.30
C ASP A 333 -11.28 -29.27 1.80
N ASP A 334 -10.30 -28.68 2.46
CA ASP A 334 -10.36 -27.25 2.79
C ASP A 334 -9.69 -26.50 1.64
N CYS A 335 -10.44 -25.61 1.00
CA CYS A 335 -9.97 -24.84 -0.14
C CYS A 335 -10.05 -23.36 0.18
N TYR A 336 -9.09 -22.60 -0.36
CA TYR A 336 -8.95 -21.18 -0.05
C TYR A 336 -8.54 -20.42 -1.29
N LYS A 337 -8.92 -19.13 -1.32
CA LYS A 337 -8.39 -18.17 -2.28
C LYS A 337 -7.50 -17.15 -1.57
N PHE A 338 -6.42 -16.74 -2.24
CA PHE A 338 -5.56 -15.66 -1.76
C PHE A 338 -6.34 -14.36 -1.81
N ALA A 339 -6.59 -13.75 -0.65
CA ALA A 339 -7.47 -12.59 -0.54
C ALA A 339 -6.70 -11.29 -0.39
N ILE A 340 -5.51 -11.24 -0.98
CA ILE A 340 -4.76 -10.01 -1.17
C ILE A 340 -4.61 -9.81 -2.66
N SER A 341 -4.92 -8.62 -3.15
CA SER A 341 -4.78 -8.39 -4.58
C SER A 341 -4.25 -7.00 -4.84
N GLN A 342 -3.89 -6.77 -6.09
CA GLN A 342 -3.19 -5.56 -6.47
C GLN A 342 -4.19 -4.44 -6.73
N SER A 343 -3.78 -3.23 -6.40
CA SER A 343 -4.63 -2.07 -6.58
C SER A 343 -3.88 -1.01 -7.37
N SER A 344 -4.65 -0.19 -8.09
CA SER A 344 -4.13 1.02 -8.71
C SER A 344 -4.79 2.27 -8.13
N THR A 345 -5.56 2.14 -7.06
CA THR A 345 -6.27 3.28 -6.49
C THR A 345 -6.04 3.40 -4.99
N GLY A 346 -4.92 2.87 -4.52
CA GLY A 346 -4.55 2.95 -3.12
C GLY A 346 -4.81 1.65 -2.37
N THR A 347 -4.47 1.67 -1.08
CA THR A 347 -4.71 0.52 -0.20
C THR A 347 -6.18 0.41 0.17
N VAL A 348 -6.72 -0.81 0.12
CA VAL A 348 -8.08 -1.03 0.59
C VAL A 348 -8.04 -2.06 1.72
N MET A 349 -8.37 -1.60 2.94
CA MET A 349 -8.53 -2.49 4.09
C MET A 349 -9.96 -3.00 4.03
N GLY A 350 -10.12 -4.16 3.38
CA GLY A 350 -11.43 -4.71 3.11
C GLY A 350 -11.96 -5.58 4.23
N ALA A 351 -13.03 -6.31 3.91
CA ALA A 351 -13.73 -7.07 4.94
C ALA A 351 -12.82 -8.09 5.59
N VAL A 352 -11.89 -8.64 4.82
CA VAL A 352 -10.99 -9.67 5.31
C VAL A 352 -10.05 -9.12 6.37
N ILE A 353 -9.70 -7.85 6.28
CA ILE A 353 -8.93 -7.17 7.32
C ILE A 353 -9.84 -6.84 8.51
N MET A 354 -11.07 -6.40 8.24
CA MET A 354 -11.96 -5.96 9.32
C MET A 354 -12.43 -7.14 10.17
N GLU A 355 -12.59 -8.32 9.56
CA GLU A 355 -13.05 -9.51 10.28
C GLU A 355 -12.14 -9.81 11.47
N GLY A 356 -12.73 -10.16 12.61
CA GLY A 356 -11.93 -10.37 13.78
C GLY A 356 -11.53 -9.11 14.53
N PHE A 357 -11.83 -7.94 14.00
CA PHE A 357 -11.63 -6.71 14.74
C PHE A 357 -12.97 -6.05 14.95
N TYR A 358 -13.08 -5.31 16.04
CA TYR A 358 -14.20 -4.40 16.25
C TYR A 358 -13.76 -3.01 15.79
N VAL A 359 -14.47 -2.47 14.82
CA VAL A 359 -14.04 -1.24 14.14
C VAL A 359 -15.05 -0.15 14.42
N VAL A 360 -14.59 0.93 15.05
CA VAL A 360 -15.47 2.01 15.46
C VAL A 360 -15.26 3.18 14.50
N PHE A 361 -16.31 3.55 13.78
CA PHE A 361 -16.26 4.68 12.87
C PHE A 361 -16.76 5.89 13.65
N ASP A 362 -15.85 6.53 14.37
CA ASP A 362 -16.19 7.63 15.27
C ASP A 362 -16.16 8.93 14.48
N ARG A 363 -17.25 9.17 13.74
CA ARG A 363 -17.33 10.34 12.86
C ARG A 363 -17.28 11.63 13.69
N ALA A 364 -17.97 11.65 14.84
CA ALA A 364 -17.98 12.85 15.69
C ALA A 364 -16.58 13.31 16.02
N ARG A 365 -15.66 12.37 16.26
CA ARG A 365 -14.31 12.74 16.67
C ARG A 365 -13.28 12.49 15.57
N LYS A 366 -13.74 12.29 14.33
CA LYS A 366 -12.87 12.14 13.17
C LYS A 366 -11.79 11.09 13.40
N ARG A 367 -12.20 9.90 13.83
CA ARG A 367 -11.24 8.85 14.11
C ARG A 367 -11.91 7.50 13.91
N ILE A 368 -11.07 6.49 13.69
CA ILE A 368 -11.49 5.10 13.54
C ILE A 368 -10.76 4.27 14.58
N GLY A 369 -11.54 3.49 15.36
CA GLY A 369 -10.99 2.65 16.41
C GLY A 369 -10.90 1.19 16.03
N PHE A 370 -9.87 0.53 16.52
CA PHE A 370 -9.67 -0.89 16.31
C PHE A 370 -9.47 -1.60 17.65
N ALA A 371 -10.14 -2.73 17.81
CA ALA A 371 -9.90 -3.62 18.94
C ALA A 371 -10.12 -5.06 18.50
N VAL A 372 -9.48 -5.99 19.22
CA VAL A 372 -9.72 -7.41 19.00
C VAL A 372 -11.20 -7.71 19.23
N SER A 373 -11.82 -8.34 18.25
CA SER A 373 -13.25 -8.65 18.30
C SER A 373 -13.53 -9.83 19.21
N ALA A 374 -14.75 -9.86 19.78
CA ALA A 374 -15.19 -11.07 20.47
C ALA A 374 -15.24 -12.28 19.55
N CYS A 375 -15.40 -12.08 18.25
CA CYS A 375 -15.38 -13.17 17.28
C CYS A 375 -14.06 -13.16 16.51
N HIS A 376 -12.97 -13.22 17.25
CA HIS A 376 -11.65 -13.19 16.64
C HIS A 376 -11.28 -14.55 16.08
N VAL A 377 -10.53 -14.52 14.97
CA VAL A 377 -10.00 -15.72 14.34
C VAL A 377 -9.02 -16.41 15.27
N HIS A 378 -8.91 -17.73 15.15
CA HIS A 378 -8.16 -18.54 16.10
C HIS A 378 -7.10 -19.34 15.37
N ASP A 379 -5.83 -18.97 15.60
CA ASP A 379 -4.68 -19.76 15.20
C ASP A 379 -4.25 -20.61 16.40
N GLU A 380 -3.40 -21.60 16.13
CA GLU A 380 -3.06 -22.52 17.21
C GLU A 380 -2.04 -21.91 18.15
N PHE A 381 -1.09 -21.15 17.61
CA PHE A 381 0.01 -20.59 18.36
C PHE A 381 0.12 -19.09 18.24
N ARG A 382 -0.76 -18.45 17.47
CA ARG A 382 -0.68 -17.04 17.15
C ARG A 382 -2.04 -16.39 17.33
N THR A 383 -2.05 -15.08 17.50
CA THR A 383 -3.33 -14.41 17.68
C THR A 383 -3.35 -13.06 16.99
N ALA A 384 -4.47 -12.77 16.33
CA ALA A 384 -4.74 -11.43 15.87
C ALA A 384 -4.70 -10.49 17.07
N ALA A 385 -4.15 -9.30 16.86
CA ALA A 385 -3.93 -8.38 17.97
C ALA A 385 -4.03 -6.94 17.47
N VAL A 386 -4.31 -6.05 18.42
CA VAL A 386 -4.20 -4.61 18.25
C VAL A 386 -3.31 -4.12 19.39
N GLU A 387 -2.14 -3.57 19.05
CA GLU A 387 -1.15 -3.30 20.09
C GLU A 387 -0.55 -1.92 19.97
N GLY A 388 -0.32 -1.30 21.10
CA GLY A 388 0.35 -0.02 21.16
C GLY A 388 0.76 0.29 22.58
N PRO A 389 1.34 1.48 22.79
CA PRO A 389 1.70 2.45 21.74
C PRO A 389 3.01 2.08 21.04
N PHE A 390 3.23 2.57 19.82
CA PHE A 390 4.54 2.52 19.19
C PHE A 390 4.98 3.95 18.90
N VAL A 391 6.27 4.16 18.83
CA VAL A 391 6.82 5.45 18.43
C VAL A 391 7.17 5.35 16.95
N THR A 392 6.72 6.34 16.18
CA THR A 392 6.98 6.40 14.75
C THR A 392 7.21 7.86 14.40
N LEU A 393 8.42 8.18 13.95
CA LEU A 393 8.73 9.55 13.60
C LEU A 393 8.22 9.90 12.21
N ASP A 394 7.97 11.19 11.99
CA ASP A 394 7.61 11.71 10.66
C ASP A 394 6.37 11.08 10.07
N MET A 395 5.38 10.73 10.89
CA MET A 395 4.20 10.05 10.37
C MET A 395 3.49 10.88 9.30
N GLU A 396 3.50 12.20 9.46
CA GLU A 396 2.85 13.07 8.47
C GLU A 396 3.45 12.88 7.08
N ASP A 397 4.73 12.53 6.99
CA ASP A 397 5.33 12.26 5.68
C ASP A 397 4.73 11.05 4.98
N CYS A 398 3.93 10.22 5.68
CA CYS A 398 3.45 9.00 5.04
C CYS A 398 2.22 9.23 4.21
N GLY A 399 1.57 10.39 4.38
CA GLY A 399 0.41 10.73 3.59
C GLY A 399 0.80 11.17 2.19
N TYR A 400 0.09 10.65 1.20
CA TYR A 400 0.31 11.02 -0.19
C TYR A 400 -0.42 12.32 -0.50
N ASN A 401 0.19 13.12 -1.38
CA ASN A 401 -0.40 14.38 -1.81
C ASN A 401 -0.50 14.43 -3.33
N SER B 14 -29.56 -1.70 -21.52
CA SER B 14 -28.23 -2.29 -21.52
C SER B 14 -27.16 -1.22 -21.70
N PHE B 15 -27.59 0.05 -21.69
CA PHE B 15 -26.65 1.16 -21.82
C PHE B 15 -25.76 1.31 -20.59
N VAL B 16 -26.21 0.78 -19.43
CA VAL B 16 -25.44 0.90 -18.21
C VAL B 16 -24.05 0.28 -18.38
N GLU B 17 -23.91 -0.70 -19.28
CA GLU B 17 -22.60 -1.30 -19.53
C GLU B 17 -21.62 -0.32 -20.14
N MET B 18 -22.11 0.78 -20.71
CA MET B 18 -21.23 1.73 -21.36
C MET B 18 -20.99 2.98 -20.53
N VAL B 19 -21.73 3.14 -19.43
CA VAL B 19 -21.49 4.25 -18.52
C VAL B 19 -20.08 4.17 -17.97
N ASP B 20 -19.38 5.31 -17.93
CA ASP B 20 -18.05 5.43 -17.36
C ASP B 20 -17.00 4.67 -18.17
N ASN B 21 -17.21 4.50 -19.49
CA ASN B 21 -16.24 3.80 -20.33
C ASN B 21 -15.18 4.73 -20.93
N LEU B 22 -15.16 6.00 -20.55
CA LEU B 22 -14.16 6.93 -21.07
C LEU B 22 -13.21 7.35 -19.96
N ARG B 23 -11.92 7.44 -20.33
CA ARG B 23 -10.89 8.00 -19.48
C ARG B 23 -10.08 9.02 -20.28
N GLY B 24 -9.29 9.81 -19.57
CA GLY B 24 -8.40 10.72 -20.26
C GLY B 24 -7.56 11.52 -19.29
N LYS B 25 -6.63 12.28 -19.87
CA LYS B 25 -5.94 13.35 -19.18
C LYS B 25 -6.46 14.69 -19.68
N SER B 26 -6.55 15.67 -18.78
CA SER B 26 -7.05 16.99 -19.15
C SER B 26 -6.24 17.61 -20.29
N GLY B 27 -6.95 18.09 -21.31
CA GLY B 27 -6.31 18.68 -22.48
C GLY B 27 -5.66 17.70 -23.43
N GLN B 28 -5.81 16.38 -23.19
CA GLN B 28 -5.20 15.37 -24.02
C GLN B 28 -6.21 14.40 -24.63
N GLY B 29 -7.50 14.72 -24.57
CA GLY B 29 -8.51 13.92 -25.21
C GLY B 29 -9.06 12.82 -24.32
N TYR B 30 -10.20 12.28 -24.74
CA TYR B 30 -10.87 11.17 -24.07
C TYR B 30 -10.73 9.92 -24.90
N TYR B 31 -10.48 8.78 -24.25
CA TYR B 31 -10.31 7.53 -24.98
C TYR B 31 -11.18 6.42 -24.42
N VAL B 32 -11.49 5.46 -25.28
CA VAL B 32 -12.25 4.28 -24.94
C VAL B 32 -11.40 3.07 -25.27
N GLU B 33 -11.59 1.99 -24.51
CA GLU B 33 -10.83 0.77 -24.76
C GLU B 33 -11.44 -0.01 -25.91
N MET B 34 -10.59 -0.47 -26.82
CA MET B 34 -11.01 -1.27 -27.96
C MET B 34 -10.06 -2.46 -28.11
N THR B 35 -10.50 -3.44 -28.89
CA THR B 35 -9.61 -4.50 -29.33
C THR B 35 -9.65 -4.59 -30.85
N VAL B 36 -8.50 -4.89 -31.46
CA VAL B 36 -8.41 -5.13 -32.89
C VAL B 36 -7.63 -6.42 -33.10
N GLY B 37 -8.04 -7.20 -34.11
CA GLY B 37 -7.31 -8.38 -34.52
C GLY B 37 -7.74 -9.64 -33.80
N SER B 38 -7.25 -10.78 -34.31
CA SER B 38 -7.48 -12.10 -33.73
C SER B 38 -6.12 -12.75 -33.53
N PRO B 39 -5.71 -13.04 -32.28
CA PRO B 39 -6.43 -12.78 -31.03
C PRO B 39 -6.50 -11.28 -30.72
N PRO B 40 -7.47 -10.87 -29.91
CA PRO B 40 -7.71 -9.42 -29.71
C PRO B 40 -6.51 -8.71 -29.11
N GLN B 41 -6.12 -7.62 -29.74
CA GLN B 41 -5.11 -6.72 -29.19
C GLN B 41 -5.79 -5.51 -28.59
N THR B 42 -5.51 -5.25 -27.32
CA THR B 42 -6.18 -4.21 -26.56
C THR B 42 -5.46 -2.88 -26.77
N LEU B 43 -6.21 -1.83 -27.09
CA LEU B 43 -5.68 -0.49 -27.30
C LEU B 43 -6.67 0.54 -26.78
N ASN B 44 -6.14 1.65 -26.27
CA ASN B 44 -6.96 2.80 -25.91
C ASN B 44 -7.07 3.75 -27.09
N ILE B 45 -8.30 4.09 -27.47
CA ILE B 45 -8.58 4.82 -28.71
C ILE B 45 -9.29 6.14 -28.39
N LEU B 46 -8.66 7.24 -28.76
CA LEU B 46 -9.26 8.55 -28.53
C LEU B 46 -10.52 8.72 -29.38
N VAL B 47 -11.60 9.19 -28.75
CA VAL B 47 -12.88 9.35 -29.45
C VAL B 47 -12.96 10.77 -30.00
N ASP B 48 -13.10 10.88 -31.32
CA ASP B 48 -12.93 12.15 -32.00
C ASP B 48 -14.10 12.39 -32.96
N THR B 49 -15.05 13.23 -32.54
CA THR B 49 -16.13 13.64 -33.45
C THR B 49 -15.66 14.64 -34.49
N GLY B 50 -14.40 15.06 -34.45
CA GLY B 50 -13.87 16.01 -35.39
C GLY B 50 -13.16 15.43 -36.60
N SER B 51 -13.15 14.12 -36.75
CA SER B 51 -12.50 13.51 -37.92
C SER B 51 -13.20 12.20 -38.20
N SER B 52 -12.72 11.47 -39.22
CA SER B 52 -13.45 10.30 -39.70
C SER B 52 -12.58 9.09 -40.01
N ASN B 53 -11.30 9.10 -39.64
CA ASN B 53 -10.43 7.97 -39.83
C ASN B 53 -10.23 7.23 -38.51
N PHE B 54 -10.31 5.91 -38.59
CA PHE B 54 -9.89 5.04 -37.50
C PHE B 54 -8.42 4.69 -37.74
N ALA B 55 -7.55 5.05 -36.80
CA ALA B 55 -6.12 4.84 -36.97
C ALA B 55 -5.47 4.49 -35.64
N VAL B 56 -4.44 3.63 -35.70
CA VAL B 56 -3.75 3.17 -34.49
C VAL B 56 -2.25 3.13 -34.76
N GLY B 57 -1.48 3.50 -33.75
CA GLY B 57 -0.04 3.27 -33.81
C GLY B 57 0.22 1.84 -34.20
N ALA B 58 1.10 1.61 -35.19
CA ALA B 58 1.39 0.27 -35.67
C ALA B 58 2.89 0.05 -35.81
N ALA B 59 3.69 0.84 -35.11
CA ALA B 59 5.14 0.77 -35.16
C ALA B 59 5.65 1.45 -33.91
N PRO B 60 6.85 1.10 -33.44
CA PRO B 60 7.38 1.72 -32.22
C PRO B 60 7.42 3.23 -32.34
N HIS B 61 7.17 3.89 -31.20
CA HIS B 61 7.20 5.31 -31.07
C HIS B 61 7.53 5.58 -29.61
N PRO B 62 8.34 6.61 -29.32
CA PRO B 62 8.75 6.84 -27.91
C PRO B 62 7.60 7.17 -26.97
N PHE B 63 6.43 7.53 -27.48
CA PHE B 63 5.30 7.87 -26.63
C PHE B 63 4.23 6.77 -26.58
N LEU B 64 4.42 5.68 -27.31
CA LEU B 64 3.46 4.58 -27.37
C LEU B 64 3.85 3.48 -26.38
N HIS B 65 2.94 3.14 -25.47
CA HIS B 65 3.17 2.01 -24.57
C HIS B 65 3.03 0.69 -25.31
N ARG B 66 2.17 0.65 -26.32
CA ARG B 66 1.91 -0.54 -27.10
C ARG B 66 1.43 -0.08 -28.46
N TYR B 67 1.29 -1.02 -29.39
CA TYR B 67 0.83 -0.67 -30.72
C TYR B 67 0.27 -1.91 -31.39
N TYR B 68 -0.42 -1.66 -32.50
CA TYR B 68 -1.05 -2.72 -33.27
C TYR B 68 0.01 -3.49 -34.05
N GLN B 69 0.01 -4.81 -33.91
CA GLN B 69 0.96 -5.68 -34.60
C GLN B 69 0.19 -6.49 -35.63
N ARG B 70 0.18 -6.02 -36.88
CA ARG B 70 -0.61 -6.66 -37.91
C ARG B 70 -0.17 -8.10 -38.13
N GLN B 71 1.14 -8.36 -38.01
CA GLN B 71 1.70 -9.69 -38.23
C GLN B 71 1.06 -10.74 -37.34
N LEU B 72 0.60 -10.35 -36.15
CA LEU B 72 0.06 -11.29 -35.16
C LEU B 72 -1.44 -11.51 -35.28
N SER B 73 -2.12 -10.83 -36.22
CA SER B 73 -3.56 -10.96 -36.39
C SER B 73 -3.87 -11.79 -37.63
N SER B 74 -4.61 -12.89 -37.44
CA SER B 74 -4.97 -13.78 -38.54
C SER B 74 -6.11 -13.23 -39.38
N THR B 75 -6.85 -12.24 -38.87
CA THR B 75 -7.93 -11.63 -39.62
C THR B 75 -7.53 -10.32 -40.28
N TYR B 76 -6.27 -9.92 -40.14
CA TYR B 76 -5.81 -8.71 -40.80
C TYR B 76 -5.79 -8.89 -42.32
N ARG B 77 -6.29 -7.87 -43.04
CA ARG B 77 -6.20 -7.81 -44.50
C ARG B 77 -5.54 -6.49 -44.88
N ASP B 78 -4.51 -6.56 -45.71
CA ASP B 78 -3.84 -5.36 -46.21
C ASP B 78 -4.64 -4.80 -47.38
N LEU B 79 -4.86 -3.49 -47.39
CA LEU B 79 -5.52 -2.84 -48.51
C LEU B 79 -4.54 -2.30 -49.53
N ARG B 80 -3.23 -2.37 -49.23
CA ARG B 80 -2.18 -1.99 -50.15
C ARG B 80 -2.36 -0.57 -50.69
N LYS B 81 -2.74 0.33 -49.79
CA LYS B 81 -2.91 1.75 -50.10
C LYS B 81 -2.42 2.55 -48.91
N GLY B 82 -1.65 3.61 -49.21
CA GLY B 82 -1.20 4.51 -48.18
C GLY B 82 -2.25 5.52 -47.82
N VAL B 83 -2.00 6.28 -46.75
CA VAL B 83 -2.97 7.26 -46.28
C VAL B 83 -2.24 8.30 -45.44
N TYR B 84 -2.75 9.53 -45.49
CA TYR B 84 -2.18 10.63 -44.74
C TYR B 84 -3.32 11.48 -44.21
N VAL B 85 -3.23 11.89 -42.96
CA VAL B 85 -4.26 12.73 -42.35
C VAL B 85 -3.59 13.92 -41.67
N PRO B 86 -3.82 15.15 -42.15
CA PRO B 86 -3.32 16.34 -41.44
C PRO B 86 -4.39 16.99 -40.58
N TYR B 87 -4.22 17.01 -39.28
CA TYR B 87 -5.17 17.68 -38.41
C TYR B 87 -4.77 19.15 -38.26
N THR B 88 -5.55 19.89 -37.48
CA THR B 88 -5.13 21.24 -37.08
C THR B 88 -3.81 21.17 -36.32
N GLN B 89 -3.74 20.32 -35.31
CA GLN B 89 -2.51 20.01 -34.60
C GLN B 89 -2.25 18.52 -34.75
N GLY B 90 -1.14 18.18 -35.37
CA GLY B 90 -0.72 16.80 -35.54
C GLY B 90 -1.03 16.27 -36.92
N LYS B 91 -0.24 15.29 -37.36
CA LYS B 91 -0.48 14.63 -38.63
C LYS B 91 0.14 13.24 -38.53
N TRP B 92 -0.35 12.31 -39.35
CA TRP B 92 0.27 11.00 -39.46
C TRP B 92 0.09 10.47 -40.88
N GLU B 93 0.90 9.46 -41.20
CA GLU B 93 0.78 8.68 -42.43
C GLU B 93 0.86 7.22 -42.05
N GLY B 94 0.32 6.37 -42.91
CA GLY B 94 0.37 4.96 -42.66
C GLY B 94 -0.20 4.14 -43.77
N GLU B 95 -0.53 2.89 -43.43
CA GLU B 95 -0.96 1.88 -44.38
C GLU B 95 -2.38 1.47 -44.05
N LEU B 96 -3.24 1.44 -45.07
CA LEU B 96 -4.62 1.02 -44.91
C LEU B 96 -4.75 -0.49 -44.89
N GLY B 97 -5.71 -0.96 -44.10
CA GLY B 97 -6.10 -2.36 -44.05
C GLY B 97 -7.41 -2.48 -43.31
N THR B 98 -7.94 -3.71 -43.23
CA THR B 98 -9.11 -3.96 -42.40
C THR B 98 -8.79 -5.06 -41.39
N ASP B 99 -9.56 -5.07 -40.31
CA ASP B 99 -9.45 -6.11 -39.28
C ASP B 99 -10.72 -6.09 -38.43
N LEU B 100 -10.85 -7.11 -37.60
CA LEU B 100 -11.99 -7.20 -36.69
C LEU B 100 -11.74 -6.32 -35.49
N VAL B 101 -12.79 -5.63 -35.05
CA VAL B 101 -12.72 -4.64 -33.98
C VAL B 101 -13.88 -4.88 -33.03
N SER B 102 -13.60 -4.78 -31.72
CA SER B 102 -14.61 -4.87 -30.68
C SER B 102 -14.40 -3.76 -29.66
N ILE B 103 -15.44 -3.48 -28.90
CA ILE B 103 -15.44 -2.50 -27.81
C ILE B 103 -15.86 -3.20 -26.51
N PRO B 104 -14.90 -3.59 -25.66
CA PRO B 104 -15.26 -4.36 -24.45
C PRO B 104 -16.36 -3.74 -23.61
N HIS B 105 -16.28 -2.45 -23.32
CA HIS B 105 -17.34 -1.72 -22.62
C HIS B 105 -18.21 -0.96 -23.61
N GLY B 106 -18.66 -1.67 -24.62
CA GLY B 106 -19.54 -1.11 -25.60
C GLY B 106 -20.58 -2.15 -25.91
N PRO B 107 -21.25 -2.02 -27.05
CA PRO B 107 -22.21 -3.05 -27.45
C PRO B 107 -21.48 -4.37 -27.66
N ASN B 108 -22.24 -5.45 -27.61
CA ASN B 108 -21.64 -6.77 -27.69
C ASN B 108 -21.62 -7.20 -29.16
N VAL B 109 -20.72 -6.56 -29.92
CA VAL B 109 -20.61 -6.81 -31.37
C VAL B 109 -19.14 -6.84 -31.78
N THR B 110 -18.94 -7.33 -33.00
CA THR B 110 -17.64 -7.35 -33.67
C THR B 110 -17.83 -6.97 -35.12
N VAL B 111 -17.08 -5.95 -35.56
CA VAL B 111 -17.24 -5.41 -36.91
C VAL B 111 -15.89 -5.48 -37.61
N ARG B 112 -15.94 -5.69 -38.93
CA ARG B 112 -14.76 -5.53 -39.78
C ARG B 112 -14.71 -4.07 -40.23
N ALA B 113 -13.65 -3.38 -39.84
CA ALA B 113 -13.54 -1.95 -40.05
C ALA B 113 -12.25 -1.62 -40.81
N ASN B 114 -12.25 -0.49 -41.50
CA ASN B 114 -11.02 0.06 -42.06
C ASN B 114 -10.12 0.51 -40.92
N ILE B 115 -8.83 0.23 -41.02
CA ILE B 115 -7.86 0.67 -40.02
C ILE B 115 -6.64 1.24 -40.72
N ALA B 116 -6.25 2.46 -40.36
CA ALA B 116 -5.00 3.04 -40.81
C ALA B 116 -3.93 2.67 -39.80
N ALA B 117 -2.96 1.86 -40.24
CA ALA B 117 -1.84 1.48 -39.40
C ALA B 117 -0.81 2.60 -39.45
N ILE B 118 -0.69 3.35 -38.37
CA ILE B 118 0.18 4.53 -38.35
C ILE B 118 1.63 4.09 -38.28
N THR B 119 2.41 4.46 -39.30
CA THR B 119 3.84 4.17 -39.37
C THR B 119 4.74 5.39 -39.12
N GLU B 120 4.26 6.60 -39.37
CA GLU B 120 5.00 7.82 -39.04
C GLU B 120 4.01 8.89 -38.57
N SER B 121 4.48 9.77 -37.69
CA SER B 121 3.59 10.80 -37.15
C SER B 121 4.40 11.99 -36.68
N ASP B 122 3.73 13.13 -36.55
CA ASP B 122 4.38 14.36 -36.11
C ASP B 122 3.40 15.11 -35.21
N LYS B 123 3.78 15.27 -33.94
CA LYS B 123 2.99 16.01 -32.96
C LYS B 123 1.57 15.45 -32.84
N PHE B 124 1.44 14.13 -32.96
CA PHE B 124 0.15 13.48 -32.80
C PHE B 124 0.07 12.75 -31.47
N PHE B 125 0.93 11.77 -31.24
CA PHE B 125 0.97 11.10 -29.95
C PHE B 125 1.56 12.03 -28.89
N ILE B 126 1.10 11.87 -27.65
CA ILE B 126 1.45 12.74 -26.54
C ILE B 126 2.17 11.90 -25.49
N ASN B 127 3.29 12.40 -24.99
CA ASN B 127 4.09 11.69 -24.00
C ASN B 127 3.24 11.29 -22.79
N GLY B 128 3.07 9.98 -22.58
CA GLY B 128 2.35 9.47 -21.43
C GLY B 128 0.85 9.67 -21.46
N SER B 129 0.23 9.71 -22.65
CA SER B 129 -1.18 10.04 -22.74
C SER B 129 -2.10 8.87 -22.42
N ASN B 130 -1.62 7.64 -22.59
CA ASN B 130 -2.28 6.35 -22.38
C ASN B 130 -3.19 5.96 -23.55
N TRP B 131 -3.25 6.72 -24.64
CA TRP B 131 -3.96 6.22 -25.80
C TRP B 131 -3.00 6.00 -26.97
N GLU B 132 -3.35 5.05 -27.84
CA GLU B 132 -2.50 4.60 -28.94
C GLU B 132 -3.14 4.75 -30.32
N GLY B 133 -4.38 5.24 -30.39
CA GLY B 133 -5.06 5.39 -31.66
C GLY B 133 -6.20 6.38 -31.56
N ILE B 134 -6.93 6.54 -32.66
CA ILE B 134 -7.97 7.55 -32.76
C ILE B 134 -9.16 6.97 -33.51
N LEU B 135 -10.36 7.25 -33.01
CA LEU B 135 -11.60 6.80 -33.64
C LEU B 135 -12.33 8.04 -34.15
N GLY B 136 -12.19 8.31 -35.44
CA GLY B 136 -12.91 9.41 -36.06
C GLY B 136 -14.38 9.06 -36.26
N LEU B 137 -15.25 9.81 -35.60
CA LEU B 137 -16.67 9.47 -35.59
C LEU B 137 -17.49 10.30 -36.57
N ALA B 138 -16.87 11.20 -37.32
CA ALA B 138 -17.61 12.04 -38.27
C ALA B 138 -17.82 11.29 -39.59
N TYR B 139 -18.24 12.00 -40.62
CA TYR B 139 -18.77 11.32 -41.79
C TYR B 139 -17.70 11.13 -42.86
N ALA B 140 -18.02 10.24 -43.80
CA ALA B 140 -17.07 9.81 -44.81
C ALA B 140 -16.55 10.98 -45.65
N GLU B 141 -17.33 12.06 -45.78
CA GLU B 141 -16.93 13.16 -46.67
C GLU B 141 -15.57 13.74 -46.29
N ILE B 142 -15.15 13.63 -45.04
CA ILE B 142 -13.84 14.15 -44.65
C ILE B 142 -12.86 13.03 -44.33
N ALA B 143 -13.18 11.78 -44.68
CA ALA B 143 -12.21 10.71 -44.50
C ALA B 143 -11.09 10.84 -45.52
N ARG B 144 -9.88 10.52 -45.10
CA ARG B 144 -8.77 10.34 -46.01
C ARG B 144 -8.58 8.85 -46.30
N PRO B 145 -8.15 8.48 -47.52
CA PRO B 145 -7.80 9.37 -48.65
C PRO B 145 -9.01 10.05 -49.28
N ASP B 146 -10.19 9.46 -49.17
CA ASP B 146 -11.38 10.06 -49.76
C ASP B 146 -12.61 9.40 -49.16
N ASP B 147 -13.78 9.84 -49.63
CA ASP B 147 -14.99 9.38 -48.97
C ASP B 147 -15.35 7.96 -49.30
N SER B 148 -14.56 7.18 -50.04
CA SER B 148 -14.86 5.77 -50.20
C SER B 148 -14.32 4.92 -49.06
N LEU B 149 -13.45 5.47 -48.22
CA LEU B 149 -13.00 4.75 -47.04
C LEU B 149 -14.07 4.89 -45.94
N GLU B 150 -14.92 3.88 -45.82
CA GLU B 150 -16.03 3.86 -44.85
C GLU B 150 -15.55 4.04 -43.41
N PRO B 151 -16.04 5.07 -42.70
CA PRO B 151 -15.66 5.24 -41.29
C PRO B 151 -16.20 4.14 -40.39
N PHE B 152 -15.59 4.03 -39.20
CA PHE B 152 -15.92 2.95 -38.28
C PHE B 152 -17.41 2.91 -37.95
N PHE B 153 -18.00 4.05 -37.59
CA PHE B 153 -19.39 4.02 -37.14
C PHE B 153 -20.33 3.62 -38.27
N ASP B 154 -20.03 4.06 -39.50
CA ASP B 154 -20.81 3.57 -40.63
C ASP B 154 -20.69 2.06 -40.76
N SER B 155 -19.50 1.51 -40.58
CA SER B 155 -19.33 0.06 -40.61
C SER B 155 -20.12 -0.59 -39.49
N LEU B 156 -20.03 -0.02 -38.29
CA LEU B 156 -20.74 -0.55 -37.13
C LEU B 156 -22.23 -0.63 -37.41
N VAL B 157 -22.80 0.48 -37.89
CA VAL B 157 -24.22 0.52 -38.18
C VAL B 157 -24.57 -0.44 -39.32
N LYS B 158 -23.70 -0.53 -40.32
CA LYS B 158 -23.99 -1.37 -41.47
C LYS B 158 -23.99 -2.84 -41.11
N GLN B 159 -23.06 -3.27 -40.23
CA GLN B 159 -22.87 -4.70 -39.96
C GLN B 159 -23.64 -5.22 -38.75
N THR B 160 -24.14 -4.36 -37.88
CA THR B 160 -24.82 -4.82 -36.69
C THR B 160 -26.20 -4.19 -36.61
N HIS B 161 -26.90 -4.47 -35.51
CA HIS B 161 -28.19 -3.88 -35.25
C HIS B 161 -28.12 -2.64 -34.35
N VAL B 162 -26.92 -2.14 -34.07
CA VAL B 162 -26.75 -0.92 -33.30
C VAL B 162 -27.47 0.23 -33.99
N PRO B 163 -28.38 0.93 -33.30
CA PRO B 163 -29.00 2.12 -33.90
C PRO B 163 -27.96 3.19 -34.24
N ASN B 164 -28.32 4.03 -35.21
CA ASN B 164 -27.40 4.98 -35.83
C ASN B 164 -27.37 6.28 -35.03
N LEU B 165 -26.83 6.18 -33.82
CA LEU B 165 -26.53 7.36 -33.02
C LEU B 165 -25.62 6.96 -31.87
N PHE B 166 -24.93 7.95 -31.32
CA PHE B 166 -24.17 7.75 -30.10
C PHE B 166 -24.26 9.06 -29.33
N SER B 167 -23.90 9.00 -28.05
CA SER B 167 -23.93 10.19 -27.19
C SER B 167 -22.68 10.21 -26.33
N LEU B 168 -22.23 11.41 -25.99
CA LEU B 168 -20.99 11.60 -25.26
C LEU B 168 -21.25 12.43 -24.01
N GLN B 169 -20.85 11.90 -22.85
CA GLN B 169 -20.83 12.63 -21.60
C GLN B 169 -19.36 12.77 -21.23
N LEU B 170 -18.79 13.94 -21.50
CA LEU B 170 -17.39 14.19 -21.19
C LEU B 170 -17.32 14.97 -19.89
N CYS B 171 -16.62 14.44 -18.90
CA CYS B 171 -16.57 15.10 -17.59
C CYS B 171 -15.21 15.78 -17.42
N GLY B 172 -15.23 16.98 -16.85
CA GLY B 172 -14.01 17.76 -16.74
C GLY B 172 -13.21 17.44 -15.49
N ALA B 173 -12.13 18.18 -15.32
CA ALA B 173 -11.19 17.97 -14.23
C ALA B 173 -11.75 18.44 -12.88
N SER B 185 -7.35 11.31 -14.78
CA SER B 185 -7.67 12.69 -14.45
C SER B 185 -9.13 13.02 -14.80
N VAL B 186 -9.56 12.68 -16.02
CA VAL B 186 -10.95 12.88 -16.43
C VAL B 186 -11.57 11.57 -16.88
N GLY B 187 -12.90 11.52 -16.85
CA GLY B 187 -13.66 10.38 -17.30
C GLY B 187 -14.92 10.81 -18.03
N GLY B 188 -15.69 9.82 -18.46
CA GLY B 188 -16.94 10.10 -19.14
C GLY B 188 -17.57 8.83 -19.65
N SER B 189 -18.59 9.01 -20.49
CA SER B 189 -19.32 7.89 -21.07
C SER B 189 -19.54 8.14 -22.55
N MET B 190 -19.31 7.10 -23.34
CA MET B 190 -19.74 7.07 -24.72
C MET B 190 -20.81 5.98 -24.83
N ILE B 191 -22.07 6.41 -24.91
CA ILE B 191 -23.18 5.50 -25.10
C ILE B 191 -23.32 5.24 -26.60
N ILE B 192 -22.98 4.04 -27.04
CA ILE B 192 -23.05 3.70 -28.45
C ILE B 192 -24.42 3.11 -28.74
N GLY B 193 -25.19 3.77 -29.60
CA GLY B 193 -26.48 3.28 -29.99
C GLY B 193 -27.67 3.85 -29.25
N GLY B 194 -27.48 4.84 -28.38
CA GLY B 194 -28.64 5.39 -27.72
C GLY B 194 -28.30 6.48 -26.74
N ILE B 195 -29.30 6.76 -25.91
CA ILE B 195 -29.32 7.85 -24.95
C ILE B 195 -29.55 7.25 -23.56
N ASP B 196 -28.68 7.57 -22.61
CA ASP B 196 -28.78 7.07 -21.25
C ASP B 196 -29.27 8.21 -20.35
N HIS B 197 -30.48 8.05 -19.80
CA HIS B 197 -31.09 9.16 -19.08
C HIS B 197 -30.41 9.44 -17.74
N SER B 198 -29.57 8.55 -17.23
CA SER B 198 -28.87 8.89 -16.00
C SER B 198 -27.71 9.84 -16.26
N LEU B 199 -27.40 10.14 -17.51
CA LEU B 199 -26.28 11.02 -17.80
C LEU B 199 -26.68 12.49 -17.92
N TYR B 200 -27.95 12.83 -17.79
CA TYR B 200 -28.30 14.24 -17.91
C TYR B 200 -29.52 14.57 -17.08
N THR B 201 -29.70 15.88 -16.85
CA THR B 201 -30.88 16.44 -16.22
C THR B 201 -31.53 17.46 -17.14
N GLY B 202 -32.80 17.75 -16.88
CA GLY B 202 -33.52 18.67 -17.72
C GLY B 202 -33.84 18.03 -19.07
N SER B 203 -34.15 18.87 -20.04
CA SER B 203 -34.52 18.41 -21.36
C SER B 203 -33.35 18.46 -22.34
N LEU B 204 -33.43 17.59 -23.35
CA LEU B 204 -32.57 17.63 -24.52
C LEU B 204 -33.07 18.68 -25.51
N TRP B 205 -32.16 19.52 -26.03
CA TRP B 205 -32.46 20.48 -27.09
C TRP B 205 -31.63 20.14 -28.33
N TYR B 206 -32.28 20.12 -29.48
CA TYR B 206 -31.65 19.63 -30.71
C TYR B 206 -31.42 20.75 -31.70
N THR B 207 -30.26 20.69 -32.34
CA THR B 207 -29.87 21.58 -33.41
C THR B 207 -29.59 20.74 -34.66
N PRO B 208 -29.99 21.20 -35.84
CA PRO B 208 -29.79 20.38 -37.04
C PRO B 208 -28.33 20.21 -37.37
N ILE B 209 -27.98 19.02 -37.85
CA ILE B 209 -26.69 18.83 -38.50
C ILE B 209 -26.83 19.45 -39.88
N ARG B 210 -26.08 20.52 -40.14
CA ARG B 210 -26.29 21.27 -41.37
C ARG B 210 -25.92 20.44 -42.58
N ARG B 211 -24.84 19.69 -42.49
CA ARG B 211 -24.32 18.90 -43.58
C ARG B 211 -23.51 17.78 -42.95
N GLU B 212 -23.63 16.57 -43.48
CA GLU B 212 -22.95 15.40 -42.92
C GLU B 212 -21.53 15.33 -43.49
N TRP B 213 -20.64 16.08 -42.86
CA TRP B 213 -19.22 15.87 -43.14
C TRP B 213 -18.49 15.93 -41.80
N TYR B 214 -18.10 17.11 -41.33
CA TYR B 214 -18.00 17.34 -39.90
C TYR B 214 -19.41 17.26 -39.28
N TYR B 215 -19.48 17.25 -37.95
CA TYR B 215 -20.75 17.53 -37.28
C TYR B 215 -20.95 19.04 -37.28
N GLU B 216 -21.47 19.53 -38.40
CA GLU B 216 -21.60 20.96 -38.60
C GLU B 216 -22.92 21.46 -38.05
N VAL B 217 -22.85 22.56 -37.30
CA VAL B 217 -24.04 23.19 -36.72
C VAL B 217 -24.03 24.66 -37.09
N ILE B 218 -25.10 25.37 -36.76
CA ILE B 218 -25.19 26.79 -37.05
C ILE B 218 -25.40 27.56 -35.75
N ILE B 219 -24.46 28.41 -35.42
CA ILE B 219 -24.60 29.32 -34.28
C ILE B 219 -25.30 30.58 -34.78
N VAL B 220 -26.39 30.97 -34.10
CA VAL B 220 -27.24 32.06 -34.57
C VAL B 220 -27.12 33.31 -33.71
N ARG B 221 -26.47 33.24 -32.55
CA ARG B 221 -26.34 34.39 -31.67
C ARG B 221 -25.27 34.04 -30.63
N VAL B 222 -24.49 35.03 -30.23
CA VAL B 222 -23.49 34.87 -29.17
C VAL B 222 -23.66 36.00 -28.18
N GLU B 223 -23.69 35.66 -26.89
CA GLU B 223 -23.77 36.64 -25.82
C GLU B 223 -22.65 36.37 -24.83
N ILE B 224 -22.05 37.45 -24.32
CA ILE B 224 -21.07 37.38 -23.25
C ILE B 224 -21.51 38.34 -22.15
N ASN B 225 -21.63 37.83 -20.93
CA ASN B 225 -22.13 38.60 -19.79
C ASN B 225 -23.52 39.15 -20.07
N GLY B 226 -24.34 38.40 -20.79
CA GLY B 226 -25.70 38.77 -21.10
C GLY B 226 -25.86 39.77 -22.22
N GLN B 227 -24.77 40.24 -22.81
CA GLN B 227 -24.82 41.25 -23.86
C GLN B 227 -24.44 40.65 -25.20
N ASP B 228 -25.27 40.90 -26.20
CA ASP B 228 -25.04 40.37 -27.54
C ASP B 228 -23.77 40.96 -28.13
N LEU B 229 -22.95 40.08 -28.74
CA LEU B 229 -21.78 40.56 -29.47
C LEU B 229 -22.18 41.41 -30.68
N LYS B 230 -23.45 41.36 -31.08
CA LYS B 230 -24.02 42.19 -32.16
C LYS B 230 -23.11 42.22 -33.39
N MET B 231 -22.76 41.01 -33.85
CA MET B 231 -22.10 40.81 -35.13
C MET B 231 -23.08 40.20 -36.12
N ASP B 232 -22.79 40.35 -37.40
CA ASP B 232 -23.46 39.52 -38.39
C ASP B 232 -23.27 38.04 -38.01
N CYS B 233 -24.37 37.30 -37.85
CA CYS B 233 -24.28 35.94 -37.33
C CYS B 233 -23.50 35.02 -38.27
N LYS B 234 -23.34 35.39 -39.55
CA LYS B 234 -22.46 34.62 -40.43
C LYS B 234 -21.03 34.58 -39.91
N GLU B 235 -20.59 35.63 -39.22
CA GLU B 235 -19.24 35.66 -38.68
C GLU B 235 -19.01 34.52 -37.71
N TYR B 236 -20.06 34.10 -36.99
CA TYR B 236 -19.96 33.04 -36.01
C TYR B 236 -19.67 31.69 -36.66
N ASN B 237 -20.06 31.52 -37.93
CA ASN B 237 -19.96 30.24 -38.62
C ASN B 237 -19.06 30.34 -39.83
N TYR B 238 -18.11 31.26 -39.79
CA TYR B 238 -17.20 31.52 -40.89
C TYR B 238 -15.88 30.81 -40.61
N ASP B 239 -15.59 29.76 -41.38
CA ASP B 239 -16.40 29.31 -42.51
C ASP B 239 -17.28 28.08 -42.21
N LYS B 240 -17.29 27.66 -40.96
CA LYS B 240 -18.15 26.57 -40.47
C LYS B 240 -18.07 26.58 -38.95
N SER B 241 -19.02 25.86 -38.32
CA SER B 241 -19.00 25.60 -36.88
C SER B 241 -19.16 24.10 -36.69
N ILE B 242 -18.28 23.49 -35.90
CA ILE B 242 -18.32 22.05 -35.73
C ILE B 242 -18.27 21.68 -34.24
N VAL B 243 -18.81 20.51 -33.94
CA VAL B 243 -18.74 19.93 -32.59
C VAL B 243 -17.66 18.86 -32.59
N ASP B 244 -16.63 19.04 -31.75
CA ASP B 244 -15.35 18.33 -31.93
C ASP B 244 -14.78 17.89 -30.58
N SER B 245 -15.06 16.64 -30.20
CA SER B 245 -14.51 16.11 -28.96
C SER B 245 -13.00 15.95 -29.03
N GLY B 246 -12.41 16.01 -30.22
CA GLY B 246 -10.98 15.85 -30.36
C GLY B 246 -10.17 17.13 -30.30
N THR B 247 -10.80 18.26 -30.00
CA THR B 247 -10.12 19.53 -29.82
C THR B 247 -10.41 20.02 -28.41
N THR B 248 -9.37 20.53 -27.72
CA THR B 248 -9.60 20.94 -26.33
C THR B 248 -10.40 22.24 -26.24
N ASN B 249 -9.96 23.28 -26.95
CA ASN B 249 -10.47 24.61 -26.68
C ASN B 249 -11.78 24.86 -27.41
N LEU B 250 -12.50 25.89 -26.97
CA LEU B 250 -13.40 26.60 -27.87
C LEU B 250 -12.56 27.45 -28.82
N ARG B 251 -12.68 27.21 -30.10
CA ARG B 251 -11.94 27.98 -31.11
C ARG B 251 -12.94 28.81 -31.92
N LEU B 252 -12.59 30.08 -32.13
CA LEU B 252 -13.47 31.11 -32.68
C LEU B 252 -12.82 31.80 -33.87
N PRO B 253 -13.59 32.10 -34.91
CA PRO B 253 -13.04 32.93 -36.00
C PRO B 253 -12.46 34.23 -35.49
N LYS B 254 -11.41 34.69 -36.18
CA LYS B 254 -10.58 35.80 -35.69
C LYS B 254 -11.42 36.98 -35.20
N LYS B 255 -12.37 37.44 -36.02
CA LYS B 255 -13.19 38.60 -35.65
C LYS B 255 -14.03 38.29 -34.42
N VAL B 256 -14.55 37.06 -34.31
CA VAL B 256 -15.35 36.70 -33.14
C VAL B 256 -14.47 36.57 -31.91
N PHE B 257 -13.30 35.92 -32.07
CA PHE B 257 -12.34 35.80 -30.98
C PHE B 257 -11.95 37.15 -30.40
N GLU B 258 -11.61 38.10 -31.26
CA GLU B 258 -11.18 39.40 -30.76
C GLU B 258 -12.31 40.08 -30.00
N ALA B 259 -13.53 40.03 -30.55
CA ALA B 259 -14.68 40.58 -29.84
C ALA B 259 -14.89 39.86 -28.52
N ALA B 260 -14.69 38.55 -28.50
CA ALA B 260 -14.92 37.80 -27.26
C ALA B 260 -13.87 38.13 -26.21
N VAL B 261 -12.61 38.23 -26.62
CA VAL B 261 -11.55 38.58 -25.66
C VAL B 261 -11.79 39.97 -25.09
N LYS B 262 -12.18 40.92 -25.95
CA LYS B 262 -12.47 42.27 -25.48
C LYS B 262 -13.58 42.25 -24.44
N SER B 263 -14.65 41.49 -24.68
CA SER B 263 -15.76 41.45 -23.74
C SER B 263 -15.36 40.77 -22.45
N ILE B 264 -14.55 39.71 -22.53
CA ILE B 264 -14.12 39.02 -21.33
C ILE B 264 -13.10 39.85 -20.55
N LYS B 265 -12.22 40.56 -21.26
CA LYS B 265 -11.28 41.46 -20.59
C LYS B 265 -12.02 42.51 -19.77
N ALA B 266 -13.00 43.18 -20.38
CA ALA B 266 -13.72 44.24 -19.67
C ALA B 266 -14.42 43.70 -18.43
N ALA B 267 -15.05 42.53 -18.54
CA ALA B 267 -15.76 41.97 -17.40
C ALA B 267 -14.80 41.57 -16.28
N SER B 268 -13.54 41.28 -16.63
CA SER B 268 -12.55 40.83 -15.67
C SER B 268 -11.48 41.89 -15.40
N SER B 269 -11.73 43.14 -15.76
CA SER B 269 -10.75 44.20 -15.59
C SER B 269 -10.42 44.49 -14.13
N THR B 270 -11.17 43.93 -13.18
CA THR B 270 -10.79 43.99 -11.78
C THR B 270 -9.35 43.57 -11.58
N GLU B 271 -8.98 42.44 -12.19
CA GLU B 271 -7.61 41.98 -12.21
C GLU B 271 -7.04 42.19 -13.61
N LYS B 272 -5.71 42.08 -13.72
CA LYS B 272 -5.04 42.21 -14.99
C LYS B 272 -4.17 40.97 -15.20
N PHE B 273 -4.04 40.59 -16.47
CA PHE B 273 -3.36 39.37 -16.85
C PHE B 273 -2.38 39.66 -17.97
N PRO B 274 -1.27 38.93 -18.05
CA PRO B 274 -0.40 39.04 -19.21
C PRO B 274 -1.18 38.74 -20.49
N ASP B 275 -0.93 39.52 -21.54
CA ASP B 275 -1.67 39.26 -22.77
C ASP B 275 -1.30 37.92 -23.40
N GLY B 276 -0.19 37.32 -22.99
CA GLY B 276 0.08 35.95 -23.35
C GLY B 276 -0.88 34.97 -22.70
N PHE B 277 -1.48 35.34 -21.57
CA PHE B 277 -2.55 34.54 -21.02
C PHE B 277 -3.73 34.50 -21.98
N TRP B 278 -4.10 35.66 -22.53
CA TRP B 278 -5.21 35.72 -23.48
C TRP B 278 -4.86 35.02 -24.79
N LEU B 279 -3.58 34.78 -25.05
CA LEU B 279 -3.16 34.02 -26.23
C LEU B 279 -3.04 32.53 -25.94
N GLY B 280 -3.38 32.09 -24.73
CA GLY B 280 -3.42 30.67 -24.41
C GLY B 280 -2.09 30.08 -24.04
N GLU B 281 -1.06 30.88 -23.94
CA GLU B 281 0.30 30.41 -23.64
C GLU B 281 0.54 30.48 -22.14
N GLN B 282 0.58 31.69 -21.60
CA GLN B 282 0.84 31.87 -20.17
C GLN B 282 -0.36 31.42 -19.35
N LEU B 283 -0.08 30.62 -18.32
CA LEU B 283 -1.08 30.30 -17.32
C LEU B 283 -1.09 31.36 -16.22
N VAL B 284 -2.22 31.45 -15.52
CA VAL B 284 -2.40 32.36 -14.40
C VAL B 284 -2.79 31.53 -13.19
N CYS B 285 -2.37 31.99 -12.02
CA CYS B 285 -2.64 31.25 -10.79
C CYS B 285 -3.22 32.17 -9.74
N TRP B 286 -3.91 31.54 -8.79
CA TRP B 286 -4.40 32.20 -7.59
C TRP B 286 -4.17 31.24 -6.43
N GLN B 287 -4.12 31.81 -5.22
CA GLN B 287 -4.00 31.00 -4.04
C GLN B 287 -5.15 30.00 -3.98
N ALA B 288 -4.81 28.73 -3.75
CA ALA B 288 -5.76 27.62 -3.82
C ALA B 288 -7.09 27.95 -3.18
N GLY B 289 -8.17 27.77 -3.95
CA GLY B 289 -9.50 27.99 -3.44
C GLY B 289 -9.99 29.41 -3.50
N THR B 290 -9.17 30.35 -4.00
CA THR B 290 -9.56 31.75 -4.07
C THR B 290 -9.74 32.21 -5.51
N THR B 291 -9.89 31.28 -6.45
CA THR B 291 -10.13 31.60 -7.85
C THR B 291 -11.33 32.55 -7.95
N PRO B 292 -11.16 33.74 -8.52
CA PRO B 292 -12.24 34.74 -8.56
C PRO B 292 -13.22 34.51 -9.71
N TRP B 293 -13.96 33.40 -9.62
CA TRP B 293 -14.85 33.00 -10.71
C TRP B 293 -15.82 34.12 -11.05
N ASN B 294 -16.29 34.85 -10.05
CA ASN B 294 -17.38 35.81 -10.22
C ASN B 294 -17.04 36.94 -11.19
N ILE B 295 -15.75 37.25 -11.38
CA ILE B 295 -15.40 38.37 -12.26
C ILE B 295 -15.33 37.96 -13.72
N PHE B 296 -15.46 36.65 -14.03
CA PHE B 296 -15.50 36.15 -15.41
C PHE B 296 -16.92 35.89 -15.86
N PRO B 297 -17.30 36.37 -17.04
CA PRO B 297 -18.68 36.24 -17.50
C PRO B 297 -19.01 34.85 -18.04
N VAL B 298 -20.30 34.61 -18.14
CA VAL B 298 -20.80 33.44 -18.84
C VAL B 298 -20.92 33.77 -20.32
N ILE B 299 -20.71 32.76 -21.14
CA ILE B 299 -20.86 32.85 -22.59
C ILE B 299 -22.06 32.02 -22.98
N SER B 300 -22.99 32.62 -23.72
CA SER B 300 -24.15 31.90 -24.23
C SER B 300 -24.01 31.75 -25.73
N LEU B 301 -24.04 30.50 -26.21
CA LEU B 301 -24.10 30.23 -27.65
C LEU B 301 -25.52 29.80 -27.98
N TYR B 302 -26.16 30.56 -28.87
CA TYR B 302 -27.48 30.20 -29.34
C TYR B 302 -27.33 29.37 -30.60
N LEU B 303 -28.03 28.24 -30.65
CA LEU B 303 -27.98 27.31 -31.77
C LEU B 303 -29.33 27.27 -32.46
N MET B 304 -29.27 27.08 -33.78
CA MET B 304 -30.48 26.84 -34.56
C MET B 304 -31.29 25.69 -33.98
N GLY B 305 -32.59 25.91 -33.83
CA GLY B 305 -33.51 24.92 -33.29
C GLY B 305 -34.17 24.06 -34.36
N GLU B 306 -35.15 23.28 -33.90
CA GLU B 306 -35.91 22.35 -34.74
C GLU B 306 -37.18 22.92 -35.37
N VAL B 307 -37.75 24.01 -34.84
CA VAL B 307 -38.96 24.56 -35.44
C VAL B 307 -38.71 25.99 -35.92
N THR B 308 -39.63 26.45 -36.76
CA THR B 308 -39.45 27.72 -37.47
C THR B 308 -39.17 28.85 -36.48
N ASN B 309 -38.12 29.63 -36.76
CA ASN B 309 -37.77 30.81 -35.99
C ASN B 309 -37.44 30.50 -34.52
N GLN B 310 -37.11 29.24 -34.20
CA GLN B 310 -36.82 28.84 -32.82
C GLN B 310 -35.37 28.42 -32.67
N SER B 311 -34.74 28.93 -31.63
CA SER B 311 -33.39 28.60 -31.20
C SER B 311 -33.39 28.19 -29.72
N PHE B 312 -32.20 27.86 -29.23
CA PHE B 312 -31.96 27.57 -27.83
C PHE B 312 -30.52 27.95 -27.58
N ARG B 313 -30.16 28.05 -26.29
CA ARG B 313 -28.79 28.42 -25.94
C ARG B 313 -28.17 27.43 -24.95
N ILE B 314 -26.87 27.28 -25.07
CA ILE B 314 -26.04 26.64 -24.06
C ILE B 314 -25.18 27.73 -23.45
N THR B 315 -25.07 27.71 -22.13
CA THR B 315 -24.28 28.71 -21.41
C THR B 315 -23.08 28.04 -20.79
N ILE B 316 -21.90 28.60 -21.00
CA ILE B 316 -20.67 28.00 -20.49
C ILE B 316 -20.09 28.94 -19.43
N LEU B 317 -19.69 28.36 -18.31
CA LEU B 317 -19.13 29.05 -17.16
C LEU B 317 -17.62 29.21 -17.32
N PRO B 318 -17.01 30.17 -16.61
CA PRO B 318 -15.54 30.25 -16.63
C PRO B 318 -14.87 28.96 -16.19
N GLN B 319 -15.52 28.16 -15.33
CA GLN B 319 -14.99 26.85 -14.99
C GLN B 319 -14.76 25.97 -16.21
N GLN B 320 -15.43 26.26 -17.32
CA GLN B 320 -15.19 25.51 -18.55
C GLN B 320 -14.09 26.12 -19.40
N TYR B 321 -14.07 27.45 -19.57
CA TYR B 321 -13.10 28.01 -20.52
C TYR B 321 -11.82 28.47 -19.86
N LEU B 322 -11.65 28.25 -18.55
CA LEU B 322 -10.36 28.35 -17.88
C LEU B 322 -9.95 26.92 -17.51
N ARG B 323 -9.11 26.32 -18.36
CA ARG B 323 -8.76 24.92 -18.17
C ARG B 323 -7.69 24.80 -17.09
N PRO B 324 -7.89 23.93 -16.09
CA PRO B 324 -6.89 23.81 -15.02
C PRO B 324 -5.64 23.08 -15.50
N VAL B 325 -4.48 23.57 -15.05
CA VAL B 325 -3.18 23.03 -15.42
C VAL B 325 -2.29 22.92 -14.19
N GLU B 326 -1.23 22.11 -14.31
CA GLU B 326 -0.30 21.90 -13.20
C GLU B 326 0.45 23.19 -12.85
N ASP B 327 0.69 23.37 -11.54
CA ASP B 327 1.36 24.56 -11.04
C ASP B 327 2.81 24.61 -11.54
N VAL B 328 3.17 25.72 -12.20
CA VAL B 328 4.53 25.91 -12.71
C VAL B 328 5.52 26.32 -11.63
N ALA B 329 5.07 26.58 -10.41
CA ALA B 329 5.96 26.97 -9.32
C ALA B 329 5.98 25.90 -8.24
N THR B 330 6.72 26.19 -7.17
CA THR B 330 6.74 25.34 -5.98
C THR B 330 5.59 25.66 -5.03
N SER B 331 4.45 26.02 -5.58
CA SER B 331 3.29 26.48 -4.84
C SER B 331 2.16 25.46 -4.91
N GLN B 332 1.17 25.66 -4.03
CA GLN B 332 -0.09 24.93 -4.08
C GLN B 332 -1.18 25.86 -4.53
N ASP B 333 -0.93 26.59 -5.62
CA ASP B 333 -1.91 27.50 -6.20
C ASP B 333 -2.79 26.74 -7.20
N ASP B 334 -3.94 27.32 -7.51
CA ASP B 334 -4.77 26.88 -8.62
C ASP B 334 -4.37 27.64 -9.87
N CYS B 335 -3.96 26.93 -10.91
CA CYS B 335 -3.49 27.54 -12.13
C CYS B 335 -4.35 27.11 -13.32
N TYR B 336 -4.54 28.02 -14.27
CA TYR B 336 -5.44 27.81 -15.39
C TYR B 336 -4.85 28.41 -16.66
N LYS B 337 -5.21 27.82 -17.80
CA LYS B 337 -4.97 28.42 -19.10
C LYS B 337 -6.27 28.89 -19.72
N PHE B 338 -6.22 30.00 -20.43
CA PHE B 338 -7.37 30.47 -21.20
C PHE B 338 -7.63 29.46 -22.31
N ALA B 339 -8.79 28.80 -22.28
CA ALA B 339 -9.10 27.70 -23.18
C ALA B 339 -10.03 28.14 -24.31
N ILE B 340 -9.93 29.41 -24.71
CA ILE B 340 -10.54 29.96 -25.92
C ILE B 340 -9.40 30.47 -26.79
N SER B 341 -9.40 30.07 -28.07
CA SER B 341 -8.30 30.48 -28.93
C SER B 341 -8.80 30.78 -30.33
N GLN B 342 -7.92 31.40 -31.12
CA GLN B 342 -8.28 31.95 -32.41
C GLN B 342 -8.17 30.87 -33.48
N SER B 343 -9.08 30.93 -34.45
CA SER B 343 -9.14 29.96 -35.52
C SER B 343 -9.21 30.68 -36.86
N SER B 344 -8.71 30.01 -37.90
CA SER B 344 -8.88 30.48 -39.27
C SER B 344 -9.70 29.48 -40.09
N THR B 345 -10.30 28.49 -39.44
CA THR B 345 -11.06 27.44 -40.12
C THR B 345 -12.43 27.26 -39.49
N GLY B 346 -12.96 28.31 -38.87
CA GLY B 346 -14.30 28.29 -38.33
C GLY B 346 -14.34 28.05 -36.82
N THR B 347 -15.56 28.03 -36.29
CA THR B 347 -15.76 27.74 -34.88
C THR B 347 -15.58 26.25 -34.62
N VAL B 348 -14.86 25.93 -33.54
CA VAL B 348 -14.72 24.56 -33.07
C VAL B 348 -15.26 24.50 -31.65
N MET B 349 -16.35 23.78 -31.46
CA MET B 349 -16.89 23.56 -30.12
C MET B 349 -16.20 22.32 -29.56
N GLY B 350 -15.09 22.55 -28.85
CA GLY B 350 -14.24 21.49 -28.37
C GLY B 350 -14.68 20.96 -27.03
N ALA B 351 -13.78 20.18 -26.41
CA ALA B 351 -14.12 19.48 -25.17
C ALA B 351 -14.55 20.46 -24.08
N VAL B 352 -13.97 21.66 -24.09
CA VAL B 352 -14.27 22.65 -23.07
C VAL B 352 -15.73 23.07 -23.13
N ILE B 353 -16.31 23.06 -24.33
CA ILE B 353 -17.74 23.30 -24.46
C ILE B 353 -18.52 22.06 -24.07
N MET B 354 -18.07 20.89 -24.53
CA MET B 354 -18.85 19.66 -24.38
C MET B 354 -18.89 19.17 -22.94
N GLU B 355 -17.85 19.46 -22.14
CA GLU B 355 -17.77 18.97 -20.76
C GLU B 355 -19.00 19.34 -19.94
N GLY B 356 -19.54 20.53 -20.15
CA GLY B 356 -20.70 20.79 -19.32
C GLY B 356 -22.00 20.12 -19.76
N PHE B 357 -22.00 19.43 -20.89
CA PHE B 357 -23.22 18.91 -21.47
C PHE B 357 -23.18 17.41 -21.77
N TYR B 358 -24.36 16.84 -21.84
CA TYR B 358 -24.57 15.56 -22.50
C TYR B 358 -24.92 15.85 -23.96
N VAL B 359 -24.12 15.31 -24.88
CA VAL B 359 -24.21 15.67 -26.29
C VAL B 359 -24.59 14.43 -27.07
N VAL B 360 -25.72 14.50 -27.76
CA VAL B 360 -26.31 13.37 -28.46
C VAL B 360 -26.10 13.57 -29.95
N PHE B 361 -25.33 12.67 -30.57
CA PHE B 361 -25.05 12.74 -32.01
C PHE B 361 -26.08 11.84 -32.70
N ASP B 362 -27.25 12.42 -32.99
CA ASP B 362 -28.38 11.66 -33.52
C ASP B 362 -28.27 11.67 -35.04
N ARG B 363 -27.41 10.78 -35.55
CA ARG B 363 -27.17 10.74 -36.99
C ARG B 363 -28.43 10.33 -37.73
N ALA B 364 -29.21 9.39 -37.18
CA ALA B 364 -30.44 8.94 -37.81
C ALA B 364 -31.36 10.11 -38.13
N ARG B 365 -31.45 11.09 -37.23
CA ARG B 365 -32.36 12.21 -37.45
C ARG B 365 -31.62 13.49 -37.79
N LYS B 366 -30.33 13.39 -38.14
CA LYS B 366 -29.54 14.52 -38.62
C LYS B 366 -29.60 15.72 -37.67
N ARG B 367 -29.36 15.45 -36.39
CA ARG B 367 -29.44 16.50 -35.39
C ARG B 367 -28.51 16.15 -34.24
N ILE B 368 -28.14 17.18 -33.49
CA ILE B 368 -27.30 17.05 -32.32
C ILE B 368 -28.04 17.63 -31.12
N GLY B 369 -28.15 16.83 -30.06
CA GLY B 369 -28.84 17.25 -28.85
C GLY B 369 -27.90 17.67 -27.75
N PHE B 370 -28.33 18.65 -26.97
CA PHE B 370 -27.59 19.13 -25.80
C PHE B 370 -28.49 19.10 -24.58
N ALA B 371 -27.95 18.63 -23.46
CA ALA B 371 -28.61 18.67 -22.16
C ALA B 371 -27.54 18.90 -21.09
N VAL B 372 -27.96 19.49 -19.96
CA VAL B 372 -27.03 19.66 -18.85
C VAL B 372 -26.50 18.30 -18.40
N SER B 373 -25.19 18.20 -18.25
CA SER B 373 -24.58 16.92 -17.90
C SER B 373 -24.82 16.58 -16.43
N ALA B 374 -24.91 15.28 -16.14
CA ALA B 374 -24.91 14.81 -14.75
C ALA B 374 -23.62 15.18 -14.03
N CYS B 375 -22.52 15.32 -14.76
CA CYS B 375 -21.27 15.81 -14.18
C CYS B 375 -21.01 17.23 -14.64
N HIS B 376 -21.96 18.15 -14.43
CA HIS B 376 -21.72 19.54 -14.82
C HIS B 376 -20.95 20.22 -13.69
N VAL B 377 -19.82 20.85 -14.02
CA VAL B 377 -19.14 21.64 -13.00
C VAL B 377 -19.94 22.91 -12.78
N HIS B 378 -20.02 23.34 -11.53
CA HIS B 378 -20.88 24.45 -11.14
C HIS B 378 -20.32 25.03 -9.85
N ASP B 379 -20.27 26.35 -9.76
CA ASP B 379 -19.95 26.99 -8.50
C ASP B 379 -21.22 27.18 -7.70
N GLU B 380 -21.10 27.93 -6.60
CA GLU B 380 -22.22 28.11 -5.70
C GLU B 380 -23.30 29.00 -6.32
N PHE B 381 -22.92 29.87 -7.26
CA PHE B 381 -23.81 30.94 -7.68
C PHE B 381 -24.29 30.86 -9.12
N ARG B 382 -23.65 30.06 -9.98
CA ARG B 382 -24.05 29.94 -11.38
C ARG B 382 -23.94 28.49 -11.84
N THR B 383 -24.66 28.17 -12.92
CA THR B 383 -24.65 26.82 -13.45
C THR B 383 -24.70 26.83 -14.97
N ALA B 384 -23.95 25.93 -15.60
CA ALA B 384 -24.14 25.67 -17.02
C ALA B 384 -25.59 25.28 -17.27
N ALA B 385 -26.10 25.72 -18.42
CA ALA B 385 -27.52 25.51 -18.67
C ALA B 385 -27.73 25.27 -20.15
N VAL B 386 -28.84 24.61 -20.45
CA VAL B 386 -29.37 24.51 -21.81
C VAL B 386 -30.80 25.03 -21.73
N GLU B 387 -31.07 26.15 -22.41
CA GLU B 387 -32.33 26.85 -22.20
C GLU B 387 -32.98 27.19 -23.55
N GLY B 388 -34.30 27.05 -23.57
CA GLY B 388 -35.11 27.44 -24.70
C GLY B 388 -36.57 27.39 -24.27
N PRO B 389 -37.50 27.66 -25.20
CA PRO B 389 -37.17 28.09 -26.56
C PRO B 389 -36.86 29.59 -26.59
N PHE B 390 -36.12 30.01 -27.61
CA PHE B 390 -35.94 31.42 -27.95
C PHE B 390 -36.41 31.62 -29.39
N VAL B 391 -36.70 32.87 -29.73
CA VAL B 391 -37.03 33.25 -31.10
C VAL B 391 -35.85 33.90 -31.79
N THR B 392 -35.54 33.45 -33.00
CA THR B 392 -34.47 34.02 -33.81
C THR B 392 -34.94 33.99 -35.26
N LEU B 393 -34.87 35.14 -35.94
CA LEU B 393 -35.28 35.25 -37.35
C LEU B 393 -34.13 34.92 -38.29
N ASP B 394 -34.48 34.46 -39.50
CA ASP B 394 -33.51 34.24 -40.57
C ASP B 394 -32.33 33.36 -40.15
N MET B 395 -32.62 32.32 -39.37
CA MET B 395 -31.54 31.51 -38.82
C MET B 395 -30.69 30.91 -39.93
N GLU B 396 -31.33 30.50 -41.03
CA GLU B 396 -30.62 29.87 -42.13
C GLU B 396 -29.56 30.80 -42.72
N ASP B 397 -29.80 32.12 -42.67
CA ASP B 397 -28.81 33.08 -43.18
C ASP B 397 -27.54 33.10 -42.34
N CYS B 398 -27.56 32.53 -41.13
CA CYS B 398 -26.36 32.54 -40.33
C CYS B 398 -25.33 31.56 -40.87
N GLY B 399 -25.73 30.66 -41.77
CA GLY B 399 -24.81 29.71 -42.37
C GLY B 399 -23.96 30.34 -43.45
N TYR B 400 -22.65 30.09 -43.38
CA TYR B 400 -21.72 30.62 -44.38
C TYR B 400 -21.73 29.77 -45.65
N ASN B 401 -21.58 30.43 -46.79
CA ASN B 401 -21.50 29.77 -48.10
C ASN B 401 -20.26 30.24 -48.90
N SER C 14 44.37 4.11 13.94
CA SER C 14 45.25 2.98 14.23
C SER C 14 44.48 1.71 14.54
N PHE C 15 43.15 1.76 14.40
CA PHE C 15 42.34 0.58 14.67
C PHE C 15 42.51 -0.49 13.59
N VAL C 16 42.96 -0.13 12.39
CA VAL C 16 43.10 -1.11 11.32
C VAL C 16 44.05 -2.24 11.73
N GLU C 17 45.01 -1.94 12.63
CA GLU C 17 45.93 -2.94 13.16
C GLU C 17 45.25 -4.01 14.01
N MET C 18 44.03 -3.77 14.46
CA MET C 18 43.34 -4.72 15.31
C MET C 18 42.23 -5.47 14.61
N VAL C 19 41.86 -5.05 13.40
CA VAL C 19 40.87 -5.78 12.62
C VAL C 19 41.34 -7.20 12.41
N ASP C 20 40.43 -8.16 12.57
CA ASP C 20 40.68 -9.56 12.27
C ASP C 20 41.74 -10.16 13.21
N ASN C 21 41.85 -9.64 14.43
CA ASN C 21 42.84 -10.14 15.39
C ASN C 21 42.31 -11.31 16.23
N LEU C 22 41.11 -11.81 15.94
CA LEU C 22 40.51 -12.93 16.67
C LEU C 22 40.43 -14.16 15.79
N ARG C 23 40.66 -15.33 16.39
CA ARG C 23 40.45 -16.61 15.73
C ARG C 23 39.68 -17.54 16.64
N GLY C 24 39.20 -18.63 16.08
CA GLY C 24 38.61 -19.67 16.89
C GLY C 24 38.16 -20.85 16.05
N LYS C 25 37.74 -21.90 16.75
CA LYS C 25 36.98 -22.99 16.19
C LYS C 25 35.53 -22.83 16.64
N SER C 26 34.61 -23.25 15.77
CA SER C 26 33.19 -23.10 16.05
C SER C 26 32.83 -23.74 17.39
N GLY C 27 32.10 -22.98 18.22
CA GLY C 27 31.65 -23.46 19.50
C GLY C 27 32.72 -23.62 20.56
N GLN C 28 33.97 -23.23 20.26
CA GLN C 28 35.08 -23.39 21.19
C GLN C 28 35.69 -22.05 21.61
N GLY C 29 35.00 -20.95 21.34
CA GLY C 29 35.40 -19.64 21.77
C GLY C 29 36.31 -18.92 20.79
N TYR C 30 36.38 -17.60 20.95
CA TYR C 30 37.24 -16.74 20.16
C TYR C 30 38.42 -16.32 21.03
N TYR C 31 39.61 -16.33 20.45
CA TYR C 31 40.80 -15.98 21.22
C TYR C 31 41.61 -14.94 20.48
N VAL C 32 42.41 -14.21 21.25
CA VAL C 32 43.34 -13.20 20.78
C VAL C 32 44.73 -13.60 21.23
N GLU C 33 45.73 -13.23 20.43
CA GLU C 33 47.11 -13.54 20.78
C GLU C 33 47.65 -12.52 21.78
N MET C 34 48.33 -13.02 22.81
CA MET C 34 48.97 -12.19 23.82
C MET C 34 50.36 -12.72 24.09
N THR C 35 51.18 -11.87 24.72
CA THR C 35 52.45 -12.29 25.27
C THR C 35 52.43 -11.98 26.76
N VAL C 36 53.03 -12.88 27.55
CA VAL C 36 53.19 -12.67 28.98
C VAL C 36 54.65 -12.94 29.36
N GLY C 37 55.18 -12.13 30.27
CA GLY C 37 56.50 -12.35 30.82
C GLY C 37 57.63 -11.72 30.03
N SER C 38 58.81 -11.72 30.64
CA SER C 38 60.02 -11.19 30.03
C SER C 38 61.08 -12.29 30.08
N PRO C 39 61.55 -12.82 28.93
CA PRO C 39 61.12 -12.49 27.56
C PRO C 39 59.68 -12.93 27.26
N PRO C 40 59.05 -12.32 26.27
CA PRO C 40 57.61 -12.57 26.03
C PRO C 40 57.33 -14.02 25.67
N GLN C 41 56.38 -14.63 26.39
CA GLN C 41 55.86 -15.95 26.04
C GLN C 41 54.52 -15.77 25.34
N THR C 42 54.39 -16.35 24.16
CA THR C 42 53.21 -16.12 23.33
C THR C 42 52.13 -17.14 23.67
N LEU C 43 50.90 -16.65 23.90
CA LEU C 43 49.77 -17.49 24.21
C LEU C 43 48.53 -16.97 23.51
N ASN C 44 47.65 -17.89 23.12
CA ASN C 44 46.31 -17.57 22.64
C ASN C 44 45.34 -17.55 23.81
N ILE C 45 44.61 -16.44 23.94
CA ILE C 45 43.81 -16.13 25.12
C ILE C 45 42.36 -15.92 24.68
N LEU C 46 41.45 -16.72 25.22
CA LEU C 46 40.03 -16.58 24.89
C LEU C 46 39.47 -15.27 25.44
N VAL C 47 38.74 -14.54 24.61
CA VAL C 47 38.16 -13.26 25.03
C VAL C 47 36.77 -13.55 25.59
N ASP C 48 36.58 -13.23 26.87
CA ASP C 48 35.39 -13.65 27.60
C ASP C 48 34.79 -12.44 28.33
N THR C 49 33.72 -11.86 27.78
CA THR C 49 33.03 -10.78 28.48
C THR C 49 32.13 -11.30 29.61
N GLY C 50 32.10 -12.62 29.83
CA GLY C 50 31.29 -13.22 30.88
C GLY C 50 32.01 -13.51 32.19
N SER C 51 33.26 -13.09 32.35
CA SER C 51 34.01 -13.28 33.59
C SER C 51 35.06 -12.17 33.68
N SER C 52 35.85 -12.20 34.74
CA SER C 52 36.74 -11.07 35.02
C SER C 52 38.13 -11.50 35.45
N ASN C 53 38.47 -12.77 35.37
CA ASN C 53 39.81 -13.24 35.71
C ASN C 53 40.62 -13.47 34.46
N PHE C 54 41.84 -12.96 34.46
CA PHE C 54 42.84 -13.29 33.46
C PHE C 54 43.62 -14.49 33.99
N ALA C 55 43.58 -15.59 33.27
CA ALA C 55 44.17 -16.84 33.73
C ALA C 55 44.76 -17.58 32.54
N VAL C 56 45.87 -18.28 32.77
CA VAL C 56 46.57 -18.98 31.71
C VAL C 56 47.06 -20.32 32.22
N GLY C 57 46.98 -21.35 31.36
CA GLY C 57 47.64 -22.61 31.65
C GLY C 57 49.07 -22.37 32.09
N ALA C 58 49.47 -22.96 33.21
CA ALA C 58 50.82 -22.75 33.71
C ALA C 58 51.47 -24.06 34.14
N ALA C 59 50.97 -25.18 33.61
CA ALA C 59 51.43 -26.52 33.92
C ALA C 59 50.96 -27.44 32.81
N PRO C 60 51.66 -28.54 32.55
CA PRO C 60 51.25 -29.44 31.46
C PRO C 60 49.80 -29.91 31.61
N HIS C 61 49.16 -30.08 30.46
CA HIS C 61 47.80 -30.57 30.37
C HIS C 61 47.72 -31.23 29.01
N PRO C 62 46.99 -32.36 28.88
CA PRO C 62 46.96 -33.05 27.58
C PRO C 62 46.36 -32.23 26.44
N PHE C 63 45.61 -31.16 26.74
CA PHE C 63 45.01 -30.35 25.70
C PHE C 63 45.75 -29.04 25.46
N LEU C 64 46.83 -28.76 26.19
CA LEU C 64 47.59 -27.53 26.05
C LEU C 64 48.82 -27.77 25.16
N HIS C 65 48.91 -27.00 24.07
CA HIS C 65 50.10 -27.07 23.23
C HIS C 65 51.29 -26.40 23.89
N ARG C 66 51.03 -25.38 24.71
CA ARG C 66 52.07 -24.63 25.38
C ARG C 66 51.46 -24.06 26.66
N TYR C 67 52.29 -23.47 27.51
CA TYR C 67 51.76 -22.88 28.73
C TYR C 67 52.76 -21.89 29.31
N TYR C 68 52.26 -21.10 30.26
CA TYR C 68 53.03 -20.04 30.89
C TYR C 68 54.06 -20.63 31.85
N GLN C 69 55.31 -20.25 31.67
CA GLN C 69 56.39 -20.75 32.54
C GLN C 69 56.91 -19.58 33.37
N ARG C 70 56.41 -19.49 34.62
CA ARG C 70 56.77 -18.37 35.48
C ARG C 70 58.26 -18.36 35.79
N GLN C 71 58.87 -19.55 35.87
CA GLN C 71 60.30 -19.67 36.15
C GLN C 71 61.13 -18.91 35.11
N LEU C 72 60.66 -18.83 33.88
CA LEU C 72 61.42 -18.23 32.79
C LEU C 72 61.20 -16.73 32.63
N SER C 73 60.32 -16.13 33.41
CA SER C 73 60.02 -14.71 33.27
C SER C 73 60.70 -13.93 34.38
N SER C 74 61.50 -12.94 34.01
CA SER C 74 62.20 -12.15 35.02
C SER C 74 61.31 -11.10 35.66
N THR C 75 60.16 -10.79 35.07
CA THR C 75 59.25 -9.81 35.65
C THR C 75 58.11 -10.45 36.42
N TYR C 76 58.07 -11.77 36.51
CA TYR C 76 57.04 -12.45 37.27
C TYR C 76 57.15 -12.13 38.75
N ARG C 77 56.01 -11.85 39.38
CA ARG C 77 55.93 -11.65 40.82
C ARG C 77 54.87 -12.57 41.38
N ASP C 78 55.23 -13.33 42.41
CA ASP C 78 54.29 -14.21 43.07
C ASP C 78 53.46 -13.40 44.07
N LEU C 79 52.15 -13.64 44.08
CA LEU C 79 51.27 -13.03 45.06
C LEU C 79 50.99 -13.96 46.24
N ARG C 80 51.46 -15.21 46.16
CA ARG C 80 51.33 -16.17 47.26
C ARG C 80 49.88 -16.29 47.72
N LYS C 81 48.96 -16.37 46.76
CA LYS C 81 47.53 -16.52 47.04
C LYS C 81 46.95 -17.50 46.05
N GLY C 82 46.13 -18.41 46.55
CA GLY C 82 45.46 -19.33 45.66
C GLY C 82 44.21 -18.70 45.10
N VAL C 83 43.63 -19.35 44.09
CA VAL C 83 42.41 -18.88 43.49
C VAL C 83 41.77 -20.03 42.74
N TYR C 84 40.46 -20.01 42.66
CA TYR C 84 39.66 -20.99 41.96
C TYR C 84 38.51 -20.27 41.30
N VAL C 85 38.16 -20.67 40.07
CA VAL C 85 37.04 -20.07 39.36
C VAL C 85 36.12 -21.16 38.82
N PRO C 86 34.87 -21.26 39.29
CA PRO C 86 33.94 -22.21 38.70
C PRO C 86 33.03 -21.53 37.69
N TYR C 87 33.12 -21.91 36.43
CA TYR C 87 32.21 -21.37 35.42
C TYR C 87 30.96 -22.25 35.37
N THR C 88 30.03 -21.90 34.48
CA THR C 88 28.90 -22.77 34.21
C THR C 88 29.39 -24.13 33.74
N GLN C 89 30.30 -24.14 32.77
CA GLN C 89 30.95 -25.35 32.28
C GLN C 89 32.44 -25.22 32.51
N GLY C 90 32.98 -26.07 33.38
CA GLY C 90 34.41 -26.11 33.62
C GLY C 90 34.82 -25.29 34.84
N LYS C 91 35.98 -25.64 35.39
CA LYS C 91 36.57 -24.87 36.47
C LYS C 91 38.08 -25.05 36.45
N TRP C 92 38.79 -24.12 37.08
CA TRP C 92 40.21 -24.28 37.24
C TRP C 92 40.61 -23.70 38.60
N GLU C 93 41.80 -24.06 39.04
CA GLU C 93 42.40 -23.44 40.20
C GLU C 93 43.87 -23.18 39.87
N GLY C 94 44.46 -22.24 40.60
CA GLY C 94 45.83 -21.89 40.36
C GLY C 94 46.35 -20.89 41.37
N GLU C 95 47.45 -20.25 40.99
CA GLU C 95 48.21 -19.38 41.88
C GLU C 95 48.27 -17.97 41.31
N LEU C 96 47.97 -16.98 42.14
CA LEU C 96 47.98 -15.60 41.69
C LEU C 96 49.40 -15.04 41.63
N GLY C 97 49.60 -14.15 40.67
CA GLY C 97 50.83 -13.39 40.52
C GLY C 97 50.59 -12.25 39.54
N THR C 98 51.62 -11.43 39.35
CA THR C 98 51.61 -10.40 38.31
C THR C 98 52.77 -10.61 37.34
N ASP C 99 52.60 -10.06 36.14
CA ASP C 99 53.66 -10.06 35.15
C ASP C 99 53.29 -9.04 34.08
N LEU C 100 54.24 -8.79 33.18
CA LEU C 100 54.01 -7.86 32.08
C LEU C 100 53.28 -8.58 30.95
N VAL C 101 52.33 -7.87 30.34
CA VAL C 101 51.44 -8.44 29.34
C VAL C 101 51.39 -7.50 28.13
N SER C 102 51.37 -8.09 26.93
CA SER C 102 51.23 -7.33 25.69
C SER C 102 50.23 -8.03 24.77
N ILE C 103 49.69 -7.27 23.83
CA ILE C 103 48.79 -7.77 22.81
C ILE C 103 49.36 -7.42 21.44
N PRO C 104 50.04 -8.37 20.78
CA PRO C 104 50.70 -8.05 19.49
C PRO C 104 49.82 -7.35 18.48
N HIS C 105 48.60 -7.85 18.24
CA HIS C 105 47.67 -7.16 17.34
C HIS C 105 46.66 -6.33 18.11
N GLY C 106 47.18 -5.54 19.04
CA GLY C 106 46.35 -4.67 19.83
C GLY C 106 47.08 -3.35 19.94
N PRO C 107 46.72 -2.54 20.93
CA PRO C 107 47.45 -1.29 21.14
C PRO C 107 48.90 -1.57 21.50
N ASN C 108 49.75 -0.59 21.25
CA ASN C 108 51.19 -0.76 21.42
C ASN C 108 51.60 -0.35 22.83
N VAL C 109 51.24 -1.21 23.80
CA VAL C 109 51.52 -0.94 25.21
C VAL C 109 51.92 -2.24 25.92
N THR C 110 52.41 -2.06 27.15
CA THR C 110 52.77 -3.16 28.05
C THR C 110 52.26 -2.85 29.44
N VAL C 111 51.48 -3.76 30.02
CA VAL C 111 50.87 -3.52 31.31
C VAL C 111 51.24 -4.61 32.29
N ARG C 112 51.39 -4.23 33.55
CA ARG C 112 51.53 -5.22 34.61
C ARG C 112 50.14 -5.61 35.07
N ALA C 113 49.79 -6.87 34.89
CA ALA C 113 48.44 -7.35 35.11
C ALA C 113 48.44 -8.50 36.10
N ASN C 114 47.31 -8.65 36.79
CA ASN C 114 47.09 -9.85 37.57
C ASN C 114 46.95 -11.03 36.63
N ILE C 115 47.61 -12.13 36.97
CA ILE C 115 47.55 -13.36 36.19
C ILE C 115 47.36 -14.54 37.13
N ALA C 116 46.33 -15.33 36.90
CA ALA C 116 46.16 -16.58 37.61
C ALA C 116 46.85 -17.67 36.81
N ALA C 117 47.90 -18.26 37.39
CA ALA C 117 48.63 -19.37 36.78
C ALA C 117 47.87 -20.67 37.08
N ILE C 118 47.22 -21.23 36.07
CA ILE C 118 46.35 -22.39 36.25
C ILE C 118 47.21 -23.63 36.44
N THR C 119 47.02 -24.30 37.57
CA THR C 119 47.78 -25.52 37.86
C THR C 119 46.95 -26.76 37.74
N GLU C 120 45.63 -26.64 37.91
CA GLU C 120 44.70 -27.73 37.77
C GLU C 120 43.42 -27.20 37.16
N SER C 121 42.73 -28.08 36.45
CA SER C 121 41.50 -27.70 35.78
C SER C 121 40.66 -28.95 35.58
N ASP C 122 39.37 -28.73 35.36
CA ASP C 122 38.43 -29.82 35.14
C ASP C 122 37.42 -29.35 34.08
N LYS C 123 37.46 -29.97 32.90
CA LYS C 123 36.54 -29.67 31.81
C LYS C 123 36.58 -28.19 31.44
N PHE C 124 37.76 -27.58 31.52
CA PHE C 124 37.94 -26.19 31.14
C PHE C 124 38.63 -26.05 29.78
N PHE C 125 39.85 -26.57 29.66
CA PHE C 125 40.52 -26.59 28.37
C PHE C 125 39.83 -27.57 27.43
N ILE C 126 39.87 -27.24 26.14
CA ILE C 126 39.17 -28.00 25.11
C ILE C 126 40.19 -28.62 24.18
N ASN C 127 40.04 -29.92 23.93
CA ASN C 127 40.95 -30.66 23.07
C ASN C 127 41.03 -30.01 21.70
N GLY C 128 42.20 -29.49 21.34
CA GLY C 128 42.46 -28.89 20.04
C GLY C 128 41.83 -27.54 19.79
N SER C 129 41.59 -26.74 20.84
CA SER C 129 40.95 -25.45 20.66
C SER C 129 41.92 -24.38 20.19
N ASN C 130 43.21 -24.55 20.47
CA ASN C 130 44.31 -23.66 20.13
C ASN C 130 44.40 -22.46 21.07
N TRP C 131 43.62 -22.37 22.14
CA TRP C 131 43.85 -21.34 23.15
C TRP C 131 44.29 -21.96 24.47
N GLU C 132 45.07 -21.21 25.23
CA GLU C 132 45.71 -21.70 26.45
C GLU C 132 45.32 -20.89 27.68
N GLY C 133 44.51 -19.85 27.54
CA GLY C 133 44.13 -19.06 28.68
C GLY C 133 42.87 -18.29 28.37
N ILE C 134 42.45 -17.46 29.32
CA ILE C 134 41.18 -16.74 29.23
C ILE C 134 41.38 -15.30 29.71
N LEU C 135 40.77 -14.38 29.00
CA LEU C 135 40.79 -12.95 29.34
C LEU C 135 39.38 -12.53 29.72
N GLY C 136 39.12 -12.47 31.03
CA GLY C 136 37.83 -11.99 31.49
C GLY C 136 37.72 -10.47 31.43
N LEU C 137 36.83 -9.97 30.59
CA LEU C 137 36.73 -8.55 30.32
C LEU C 137 35.65 -7.85 31.13
N ALA C 138 34.95 -8.58 31.99
CA ALA C 138 33.91 -7.97 32.82
C ALA C 138 34.58 -7.35 34.06
N TYR C 139 33.79 -6.95 35.06
CA TYR C 139 34.24 -6.05 36.11
C TYR C 139 34.66 -6.78 37.39
N ALA C 140 35.38 -6.05 38.24
CA ALA C 140 36.00 -6.64 39.43
C ALA C 140 34.99 -7.29 40.36
N GLU C 141 33.72 -6.86 40.32
CA GLU C 141 32.74 -7.37 41.26
C GLU C 141 32.58 -8.88 41.20
N ILE C 142 32.82 -9.50 40.04
CA ILE C 142 32.68 -10.95 39.92
C ILE C 142 34.03 -11.64 39.76
N ALA C 143 35.13 -10.91 39.99
CA ALA C 143 36.43 -11.54 39.97
C ALA C 143 36.63 -12.40 41.23
N ARG C 144 37.29 -13.51 41.07
CA ARG C 144 37.74 -14.34 42.18
C ARG C 144 39.21 -14.06 42.48
N PRO C 145 39.65 -14.17 43.74
CA PRO C 145 38.90 -14.54 44.96
C PRO C 145 37.91 -13.46 45.42
N ASP C 146 38.11 -12.19 45.05
CA ASP C 146 37.19 -11.14 45.47
C ASP C 146 37.42 -9.92 44.59
N ASP C 147 36.65 -8.86 44.83
CA ASP C 147 36.68 -7.72 43.92
C ASP C 147 37.92 -6.83 44.08
N SER C 148 38.88 -7.21 44.92
CA SER C 148 40.14 -6.48 44.98
C SER C 148 41.14 -6.97 43.94
N LEU C 149 40.88 -8.09 43.26
CA LEU C 149 41.79 -8.51 42.17
C LEU C 149 41.42 -7.74 40.91
N GLU C 150 42.19 -6.69 40.63
CA GLU C 150 41.95 -5.82 39.48
C GLU C 150 41.95 -6.59 38.16
N PRO C 151 40.86 -6.55 37.40
CA PRO C 151 40.84 -7.23 36.10
C PRO C 151 41.79 -6.59 35.10
N PHE C 152 42.13 -7.38 34.06
CA PHE C 152 43.09 -6.93 33.07
C PHE C 152 42.71 -5.58 32.46
N PHE C 153 41.46 -5.44 31.99
CA PHE C 153 41.13 -4.23 31.26
C PHE C 153 41.22 -3.00 32.16
N ASP C 154 40.85 -3.14 33.43
CA ASP C 154 41.04 -2.04 34.37
C ASP C 154 42.52 -1.67 34.48
N SER C 155 43.41 -2.66 34.56
CA SER C 155 44.85 -2.38 34.61
C SER C 155 45.29 -1.67 33.34
N LEU C 156 44.82 -2.13 32.18
CA LEU C 156 45.18 -1.51 30.91
C LEU C 156 44.78 -0.04 30.91
N VAL C 157 43.53 0.26 31.28
CA VAL C 157 43.05 1.63 31.25
C VAL C 157 43.80 2.48 32.27
N LYS C 158 44.11 1.91 33.43
CA LYS C 158 44.78 2.67 34.48
C LYS C 158 46.22 3.01 34.12
N GLN C 159 46.94 2.08 33.49
CA GLN C 159 48.37 2.21 33.26
C GLN C 159 48.73 2.80 31.90
N THR C 160 47.79 2.87 30.96
CA THR C 160 48.09 3.44 29.64
C THR C 160 47.10 4.54 29.32
N HIS C 161 47.18 5.05 28.08
CA HIS C 161 46.22 6.01 27.57
C HIS C 161 45.11 5.36 26.73
N VAL C 162 45.03 4.03 26.72
CA VAL C 162 43.94 3.35 25.99
C VAL C 162 42.61 3.85 26.57
N PRO C 163 41.70 4.39 25.74
CA PRO C 163 40.38 4.77 26.25
C PRO C 163 39.61 3.56 26.78
N ASN C 164 38.65 3.84 27.67
CA ASN C 164 37.96 2.83 28.47
C ASN C 164 36.76 2.27 27.70
N LEU C 165 37.06 1.57 26.62
CA LEU C 165 36.04 0.81 25.89
C LEU C 165 36.73 -0.11 24.90
N PHE C 166 36.00 -1.15 24.50
CA PHE C 166 36.44 -2.06 23.46
C PHE C 166 35.21 -2.48 22.68
N SER C 167 35.43 -3.04 21.49
CA SER C 167 34.33 -3.50 20.68
C SER C 167 34.68 -4.87 20.12
N LEU C 168 33.65 -5.68 19.95
CA LEU C 168 33.79 -7.05 19.50
C LEU C 168 32.96 -7.26 18.25
N GLN C 169 33.61 -7.69 17.18
CA GLN C 169 32.95 -8.14 15.96
C GLN C 169 33.26 -9.62 15.85
N LEU C 170 32.31 -10.46 16.25
CA LEU C 170 32.48 -11.91 16.20
C LEU C 170 31.82 -12.41 14.91
N CYS C 171 32.59 -13.07 14.06
CA CYS C 171 32.08 -13.55 12.78
C CYS C 171 31.85 -15.05 12.78
N GLY C 172 30.83 -15.46 12.03
CA GLY C 172 30.42 -16.85 11.97
C GLY C 172 31.31 -17.67 11.03
N ALA C 173 30.80 -18.83 10.65
CA ALA C 173 31.56 -19.78 9.85
C ALA C 173 31.85 -19.26 8.43
N ALA C 184 41.09 -21.10 13.19
CA ALA C 184 41.16 -22.21 12.25
C ALA C 184 39.79 -22.47 11.60
N SER C 185 38.84 -21.55 11.81
CA SER C 185 37.46 -21.78 11.38
C SER C 185 36.64 -20.49 11.50
N VAL C 186 36.73 -19.78 12.63
CA VAL C 186 36.03 -18.51 12.77
C VAL C 186 37.05 -17.41 13.02
N GLY C 187 36.63 -16.17 12.75
CA GLY C 187 37.46 -15.02 13.06
C GLY C 187 36.62 -13.85 13.53
N GLY C 188 37.30 -12.76 13.85
CA GLY C 188 36.63 -11.55 14.28
C GLY C 188 37.62 -10.50 14.68
N SER C 189 37.11 -9.42 15.29
CA SER C 189 37.94 -8.31 15.72
C SER C 189 37.59 -7.92 17.15
N MET C 190 38.63 -7.68 17.93
CA MET C 190 38.50 -6.98 19.20
C MET C 190 39.23 -5.67 19.04
N ILE C 191 38.47 -4.60 18.86
CA ILE C 191 39.04 -3.26 18.76
C ILE C 191 39.19 -2.74 20.18
N ILE C 192 40.43 -2.64 20.64
CA ILE C 192 40.74 -2.25 22.00
C ILE C 192 40.92 -0.74 22.06
N GLY C 193 40.04 -0.07 22.80
CA GLY C 193 40.15 1.37 22.94
C GLY C 193 39.31 2.19 21.99
N GLY C 194 38.44 1.58 21.19
CA GLY C 194 37.63 2.39 20.31
C GLY C 194 36.71 1.57 19.44
N ILE C 195 36.21 2.26 18.42
CA ILE C 195 35.19 1.78 17.51
C ILE C 195 35.73 1.92 16.09
N ASP C 196 35.71 0.83 15.32
CA ASP C 196 36.19 0.83 13.92
C ASP C 196 34.96 0.85 13.01
N HIS C 197 34.79 1.96 12.29
CA HIS C 197 33.54 2.18 11.56
C HIS C 197 33.40 1.33 10.33
N SER C 198 34.48 0.73 9.82
CA SER C 198 34.30 -0.14 8.67
C SER C 198 33.79 -1.52 9.06
N LEU C 199 33.65 -1.83 10.35
CA LEU C 199 33.20 -3.15 10.79
C LEU C 199 31.69 -3.23 10.95
N TYR C 200 30.96 -2.16 10.64
CA TYR C 200 29.52 -2.23 10.80
C TYR C 200 28.87 -1.31 9.79
N THR C 201 27.58 -1.53 9.57
CA THR C 201 26.73 -0.69 8.75
C THR C 201 25.56 -0.18 9.58
N GLY C 202 24.96 0.92 9.13
CA GLY C 202 23.83 1.50 9.82
C GLY C 202 24.21 2.23 11.10
N SER C 203 23.23 2.40 11.98
CA SER C 203 23.45 3.12 13.22
C SER C 203 23.77 2.17 14.37
N LEU C 204 24.60 2.67 15.29
CA LEU C 204 24.79 2.04 16.60
C LEU C 204 23.67 2.43 17.54
N TRP C 205 23.04 1.45 18.18
CA TRP C 205 22.03 1.66 19.21
C TRP C 205 22.55 1.21 20.56
N TYR C 206 22.36 2.04 21.59
CA TYR C 206 22.97 1.81 22.90
C TYR C 206 21.92 1.46 23.94
N THR C 207 22.26 0.49 24.78
CA THR C 207 21.51 0.06 25.94
C THR C 207 22.37 0.24 27.17
N PRO C 208 21.79 0.63 28.31
CA PRO C 208 22.60 0.90 29.51
C PRO C 208 23.17 -0.38 30.07
N ILE C 209 24.40 -0.29 30.56
CA ILE C 209 24.92 -1.30 31.46
C ILE C 209 24.23 -1.08 32.81
N ARG C 210 23.41 -2.03 33.25
CA ARG C 210 22.61 -1.80 34.45
C ARG C 210 23.49 -1.69 35.69
N ARG C 211 24.51 -2.52 35.78
CA ARG C 211 25.38 -2.58 36.93
C ARG C 211 26.72 -3.16 36.47
N GLU C 212 27.82 -2.61 36.97
CA GLU C 212 29.14 -3.02 36.55
C GLU C 212 29.58 -4.26 37.32
N TRP C 213 29.10 -5.42 36.87
CA TRP C 213 29.64 -6.68 37.35
C TRP C 213 29.81 -7.61 36.15
N TYR C 214 28.78 -8.37 35.80
CA TYR C 214 28.65 -8.77 34.42
C TYR C 214 28.35 -7.55 33.56
N TYR C 215 28.38 -7.74 32.24
CA TYR C 215 27.80 -6.74 31.35
C TYR C 215 26.29 -6.98 31.32
N GLU C 216 25.61 -6.45 32.34
CA GLU C 216 24.19 -6.70 32.52
C GLU C 216 23.38 -5.66 31.77
N VAL C 217 22.39 -6.12 31.02
CA VAL C 217 21.46 -5.29 30.28
C VAL C 217 20.04 -5.73 30.64
N ILE C 218 19.04 -5.01 30.12
CA ILE C 218 17.64 -5.28 30.38
C ILE C 218 16.93 -5.54 29.05
N ILE C 219 16.32 -6.72 28.94
CA ILE C 219 15.47 -7.07 27.81
C ILE C 219 14.04 -6.67 28.16
N VAL C 220 13.40 -5.89 27.29
CA VAL C 220 12.11 -5.28 27.59
C VAL C 220 10.97 -5.87 26.77
N ARG C 221 11.27 -6.69 25.78
CA ARG C 221 10.26 -7.28 24.91
C ARG C 221 10.93 -8.39 24.10
N VAL C 222 10.19 -9.46 23.86
CA VAL C 222 10.66 -10.53 22.97
C VAL C 222 9.54 -10.87 22.01
N GLU C 223 9.87 -10.94 20.73
CA GLU C 223 8.92 -11.31 19.69
C GLU C 223 9.53 -12.45 18.89
N ILE C 224 8.68 -13.36 18.47
CA ILE C 224 9.06 -14.44 17.58
C ILE C 224 8.17 -14.35 16.36
N ASN C 225 8.78 -14.13 15.19
CA ASN C 225 8.07 -13.90 13.94
C ASN C 225 7.06 -12.76 14.06
N GLY C 226 7.45 -11.71 14.79
CA GLY C 226 6.59 -10.54 14.96
C GLY C 226 5.53 -10.65 16.02
N GLN C 227 5.43 -11.77 16.73
CA GLN C 227 4.41 -12.00 17.72
C GLN C 227 5.05 -11.94 19.10
N ASP C 228 4.52 -11.07 19.96
CA ASP C 228 5.06 -10.90 21.30
C ASP C 228 4.87 -12.18 22.12
N LEU C 229 5.94 -12.60 22.83
CA LEU C 229 5.80 -13.74 23.74
C LEU C 229 4.86 -13.43 24.91
N LYS C 230 4.53 -12.17 25.13
CA LYS C 230 3.58 -11.73 26.15
C LYS C 230 3.86 -12.36 27.51
N MET C 231 5.09 -12.21 27.97
CA MET C 231 5.43 -12.54 29.34
C MET C 231 5.69 -11.25 30.10
N ASP C 232 5.53 -11.31 31.42
CA ASP C 232 6.05 -10.25 32.27
C ASP C 232 7.54 -10.08 31.98
N CYS C 233 7.95 -8.85 31.60
CA CYS C 233 9.32 -8.67 31.12
C CYS C 233 10.35 -8.95 32.20
N LYS C 234 9.96 -8.94 33.48
CA LYS C 234 10.88 -9.38 34.53
C LYS C 234 11.33 -10.81 34.31
N GLU C 235 10.46 -11.65 33.73
CA GLU C 235 10.85 -13.03 33.41
C GLU C 235 12.04 -13.09 32.46
N TYR C 236 12.14 -12.11 31.54
CA TYR C 236 13.23 -12.12 30.56
C TYR C 236 14.58 -11.90 31.22
N ASN C 237 14.60 -11.25 32.39
CA ASN C 237 15.80 -10.82 33.08
C ASN C 237 15.92 -11.47 34.46
N TYR C 238 15.36 -12.66 34.60
CA TYR C 238 15.33 -13.40 35.85
C TYR C 238 16.44 -14.44 35.82
N ASP C 239 17.49 -14.25 36.62
CA ASP C 239 17.62 -13.15 37.58
C ASP C 239 18.55 -12.02 37.10
N LYS C 240 18.99 -12.14 35.85
CA LYS C 240 19.80 -11.13 35.16
C LYS C 240 19.86 -11.49 33.68
N SER C 241 20.27 -10.52 32.86
CA SER C 241 20.56 -10.71 31.45
C SER C 241 21.94 -10.14 31.18
N ILE C 242 22.81 -10.92 30.54
CA ILE C 242 24.20 -10.55 30.36
C ILE C 242 24.63 -10.75 28.91
N VAL C 243 25.69 -10.03 28.51
CA VAL C 243 26.33 -10.20 27.21
C VAL C 243 27.65 -10.94 27.43
N ASP C 244 27.79 -12.10 26.80
CA ASP C 244 28.78 -13.10 27.21
C ASP C 244 29.41 -13.73 25.98
N SER C 245 30.54 -13.18 25.55
CA SER C 245 31.26 -13.75 24.42
C SER C 245 31.86 -15.11 24.73
N GLY C 246 31.91 -15.52 26.01
CA GLY C 246 32.45 -16.80 26.40
C GLY C 246 31.45 -17.94 26.49
N THR C 247 30.21 -17.71 26.08
CA THR C 247 29.18 -18.73 26.01
C THR C 247 28.70 -18.80 24.57
N THR C 248 28.59 -20.03 24.05
CA THR C 248 28.14 -20.21 22.67
C THR C 248 26.65 -19.86 22.51
N ASN C 249 25.79 -20.44 23.34
CA ASN C 249 24.35 -20.43 23.07
C ASN C 249 23.68 -19.13 23.55
N LEU C 250 22.49 -18.89 23.00
CA LEU C 250 21.52 -18.06 23.69
C LEU C 250 20.91 -18.90 24.81
N ARG C 251 21.05 -18.45 26.04
CA ARG C 251 20.52 -19.17 27.18
C ARG C 251 19.40 -18.35 27.79
N LEU C 252 18.28 -18.99 28.07
CA LEU C 252 17.04 -18.34 28.47
C LEU C 252 16.52 -18.94 29.76
N PRO C 253 16.03 -18.11 30.68
CA PRO C 253 15.38 -18.63 31.88
C PRO C 253 14.30 -19.65 31.51
N LYS C 254 14.11 -20.62 32.40
CA LYS C 254 13.26 -21.77 32.13
C LYS C 254 11.92 -21.38 31.53
N LYS C 255 11.22 -20.43 32.17
CA LYS C 255 9.89 -20.05 31.68
C LYS C 255 9.97 -19.43 30.29
N VAL C 256 10.98 -18.61 30.03
CA VAL C 256 11.12 -18.01 28.71
C VAL C 256 11.56 -19.05 27.69
N PHE C 257 12.48 -19.93 28.10
CA PHE C 257 12.92 -21.01 27.22
C PHE C 257 11.71 -21.82 26.75
N GLU C 258 10.85 -22.21 27.68
CA GLU C 258 9.70 -23.04 27.32
C GLU C 258 8.76 -22.31 26.37
N ALA C 259 8.43 -21.05 26.67
CA ALA C 259 7.57 -20.27 25.78
C ALA C 259 8.21 -20.12 24.39
N ALA C 260 9.54 -19.91 24.34
CA ALA C 260 10.20 -19.71 23.05
C ALA C 260 10.25 -21.00 22.25
N VAL C 261 10.58 -22.13 22.88
CA VAL C 261 10.64 -23.40 22.17
C VAL C 261 9.24 -23.75 21.63
N LYS C 262 8.20 -23.54 22.44
CA LYS C 262 6.84 -23.81 21.99
C LYS C 262 6.50 -23.02 20.73
N SER C 263 6.86 -21.74 20.68
CA SER C 263 6.59 -20.92 19.50
C SER C 263 7.46 -21.34 18.32
N ILE C 264 8.72 -21.68 18.58
CA ILE C 264 9.60 -22.11 17.48
C ILE C 264 9.16 -23.47 16.96
N LYS C 265 8.75 -24.38 17.84
CA LYS C 265 8.19 -25.65 17.41
C LYS C 265 6.98 -25.43 16.51
N ALA C 266 6.04 -24.58 16.95
CA ALA C 266 4.81 -24.38 16.19
C ALA C 266 5.11 -23.82 14.81
N ALA C 267 6.05 -22.89 14.72
CA ALA C 267 6.36 -22.30 13.43
C ALA C 267 7.01 -23.31 12.48
N SER C 268 7.71 -24.31 13.02
CA SER C 268 8.44 -25.25 12.18
C SER C 268 7.80 -26.62 12.14
N SER C 269 6.55 -26.76 12.58
CA SER C 269 5.89 -28.04 12.65
C SER C 269 5.69 -28.72 11.29
N THR C 270 5.99 -28.03 10.18
CA THR C 270 6.06 -28.68 8.88
C THR C 270 6.90 -29.94 8.94
N GLU C 271 8.08 -29.86 9.54
CA GLU C 271 8.94 -30.99 9.77
C GLU C 271 8.89 -31.37 11.24
N LYS C 272 9.39 -32.55 11.57
CA LYS C 272 9.43 -32.97 12.96
C LYS C 272 10.85 -33.36 13.32
N PHE C 273 11.19 -33.16 14.57
CA PHE C 273 12.53 -33.33 15.08
C PHE C 273 12.48 -34.16 16.35
N PRO C 274 13.52 -34.95 16.61
CA PRO C 274 13.62 -35.61 17.92
C PRO C 274 13.62 -34.55 19.02
N ASP C 275 12.92 -34.82 20.12
CA ASP C 275 12.88 -33.82 21.18
C ASP C 275 14.23 -33.65 21.85
N GLY C 276 15.16 -34.60 21.66
CA GLY C 276 16.52 -34.36 22.06
C GLY C 276 17.18 -33.27 21.24
N PHE C 277 16.66 -33.00 20.04
CA PHE C 277 17.14 -31.85 19.28
C PHE C 277 16.81 -30.55 19.99
N TRP C 278 15.59 -30.44 20.53
CA TRP C 278 15.19 -29.22 21.22
C TRP C 278 15.91 -29.02 22.53
N LEU C 279 16.50 -30.08 23.09
CA LEU C 279 17.32 -29.97 24.29
C LEU C 279 18.80 -29.72 23.97
N GLY C 280 19.16 -29.58 22.71
CA GLY C 280 20.52 -29.25 22.35
C GLY C 280 21.45 -30.43 22.27
N GLU C 281 20.93 -31.65 22.36
CA GLU C 281 21.76 -32.87 22.33
C GLU C 281 21.87 -33.41 20.91
N GLN C 282 20.76 -33.91 20.37
CA GLN C 282 20.74 -34.48 19.02
C GLN C 282 20.83 -33.39 17.96
N LEU C 283 21.68 -33.60 16.97
CA LEU C 283 21.74 -32.73 15.81
C LEU C 283 20.74 -33.17 14.74
N VAL C 284 20.38 -32.24 13.87
CA VAL C 284 19.46 -32.50 12.77
C VAL C 284 20.17 -32.17 11.46
N CYS C 285 19.87 -32.94 10.42
CA CYS C 285 20.56 -32.76 9.15
C CYS C 285 19.57 -32.67 7.99
N TRP C 286 20.06 -32.05 6.92
CA TRP C 286 19.36 -32.02 5.65
C TRP C 286 20.38 -32.23 4.54
N GLN C 287 19.87 -32.66 3.38
CA GLN C 287 20.69 -32.78 2.19
C GLN C 287 21.31 -31.42 1.85
N ALA C 288 22.61 -31.41 1.61
CA ALA C 288 23.41 -30.20 1.45
C ALA C 288 22.70 -29.15 0.60
N GLY C 289 22.52 -27.96 1.17
CA GLY C 289 21.91 -26.86 0.46
C GLY C 289 20.39 -26.80 0.51
N THR C 290 19.74 -27.76 1.17
CA THR C 290 18.27 -27.80 1.21
C THR C 290 17.71 -27.54 2.61
N THR C 291 18.50 -27.00 3.53
CA THR C 291 17.98 -26.63 4.84
C THR C 291 16.77 -25.71 4.68
N PRO C 292 15.62 -26.05 5.26
CA PRO C 292 14.41 -25.23 5.12
C PRO C 292 14.37 -24.05 6.11
N TRP C 293 15.25 -23.07 5.88
CA TRP C 293 15.38 -21.93 6.77
C TRP C 293 14.06 -21.20 6.97
N ASN C 294 13.21 -21.17 5.94
CA ASN C 294 12.00 -20.36 5.96
C ASN C 294 11.01 -20.80 7.04
N ILE C 295 11.08 -22.05 7.50
CA ILE C 295 10.11 -22.48 8.50
C ILE C 295 10.56 -22.16 9.91
N PHE C 296 11.78 -21.67 10.09
CA PHE C 296 12.22 -21.26 11.41
C PHE C 296 12.06 -19.77 11.57
N PRO C 297 11.48 -19.31 12.68
CA PRO C 297 11.16 -17.88 12.83
C PRO C 297 12.38 -17.03 13.16
N VAL C 298 12.20 -15.72 12.98
CA VAL C 298 13.18 -14.75 13.49
C VAL C 298 12.80 -14.44 14.94
N ILE C 299 13.82 -14.24 15.79
CA ILE C 299 13.63 -13.88 17.18
C ILE C 299 14.09 -12.44 17.34
N SER C 300 13.22 -11.59 17.89
CA SER C 300 13.55 -10.20 18.17
C SER C 300 13.71 -10.02 19.66
N LEU C 301 14.90 -9.58 20.09
CA LEU C 301 15.17 -9.19 21.46
C LEU C 301 15.25 -7.68 21.50
N TYR C 302 14.33 -7.08 22.23
CA TYR C 302 14.30 -5.64 22.41
C TYR C 302 15.11 -5.30 23.64
N LEU C 303 16.02 -4.35 23.49
CA LEU C 303 16.86 -3.90 24.59
C LEU C 303 16.45 -2.49 24.99
N MET C 304 16.39 -2.27 26.29
CA MET C 304 16.05 -0.97 26.84
C MET C 304 16.98 0.12 26.32
N GLY C 305 16.42 1.23 25.86
CA GLY C 305 17.32 2.26 25.40
C GLY C 305 17.78 3.12 26.55
N GLU C 306 18.72 4.03 26.26
CA GLU C 306 19.17 4.89 27.36
C GLU C 306 18.05 5.86 27.71
N VAL C 307 17.18 6.14 26.75
CA VAL C 307 15.87 6.75 26.96
C VAL C 307 14.87 5.72 26.48
N THR C 308 13.81 5.48 27.26
CA THR C 308 12.96 4.35 26.92
C THR C 308 12.05 4.58 25.72
N ASN C 309 12.09 5.73 25.05
CA ASN C 309 11.47 5.77 23.73
C ASN C 309 12.53 5.70 22.64
N GLN C 310 13.76 5.34 23.02
CA GLN C 310 14.81 4.99 22.07
C GLN C 310 15.30 3.57 22.33
N SER C 311 14.41 2.71 22.81
CA SER C 311 14.76 1.31 22.87
C SER C 311 14.93 0.80 21.44
N PHE C 312 15.40 -0.43 21.31
CA PHE C 312 15.69 -0.97 19.99
C PHE C 312 15.62 -2.48 20.05
N ARG C 313 15.56 -3.10 18.88
CA ARG C 313 15.52 -4.55 18.81
C ARG C 313 16.68 -5.05 17.98
N ILE C 314 17.16 -6.22 18.33
CA ILE C 314 18.07 -6.98 17.49
C ILE C 314 17.34 -8.24 17.06
N THR C 315 17.41 -8.56 15.78
CA THR C 315 16.69 -9.70 15.25
C THR C 315 17.70 -10.75 14.83
N ILE C 316 17.49 -11.99 15.27
CA ILE C 316 18.44 -13.04 14.96
C ILE C 316 17.76 -14.07 14.06
N LEU C 317 18.44 -14.47 13.04
CA LEU C 317 17.94 -15.43 12.07
C LEU C 317 18.22 -16.86 12.54
N PRO C 318 17.45 -17.82 12.03
CA PRO C 318 17.76 -19.23 12.33
C PRO C 318 19.18 -19.63 11.95
N GLN C 319 19.77 -18.98 10.94
CA GLN C 319 21.17 -19.25 10.64
C GLN C 319 22.05 -18.97 11.84
N GLN C 320 21.58 -18.18 12.81
CA GLN C 320 22.36 -17.97 14.02
C GLN C 320 22.06 -18.99 15.11
N TYR C 321 20.80 -19.37 15.32
CA TYR C 321 20.51 -20.29 16.43
C TYR C 321 20.43 -21.76 16.02
N LEU C 322 20.67 -22.08 14.75
CA LEU C 322 20.90 -23.46 14.31
C LEU C 322 22.39 -23.52 14.01
N ARG C 323 23.18 -23.95 14.99
CA ARG C 323 24.63 -23.88 14.83
C ARG C 323 25.11 -25.04 13.99
N PRO C 324 25.91 -24.79 12.95
CA PRO C 324 26.37 -25.90 12.10
C PRO C 324 27.40 -26.75 12.83
N VAL C 325 27.30 -28.07 12.60
CA VAL C 325 28.19 -29.04 13.21
C VAL C 325 28.63 -30.06 12.16
N GLU C 326 29.72 -30.75 12.46
CA GLU C 326 30.26 -31.74 11.54
C GLU C 326 29.28 -32.89 11.35
N ASP C 327 29.21 -33.40 10.12
CA ASP C 327 28.29 -34.49 9.84
C ASP C 327 28.69 -35.73 10.64
N VAL C 328 27.74 -36.24 11.43
CA VAL C 328 28.00 -37.45 12.23
C VAL C 328 27.99 -38.72 11.40
N ALA C 329 27.66 -38.63 10.12
CA ALA C 329 27.63 -39.76 9.20
C ALA C 329 28.70 -39.62 8.14
N THR C 330 28.70 -40.56 7.18
CA THR C 330 29.59 -40.54 6.03
C THR C 330 29.02 -39.76 4.85
N SER C 331 28.21 -38.74 5.11
CA SER C 331 27.52 -37.99 4.08
C SER C 331 28.05 -36.56 4.00
N GLN C 332 27.63 -35.86 2.96
CA GLN C 332 27.92 -34.44 2.82
C GLN C 332 26.67 -33.60 3.13
N ASP C 333 26.01 -33.93 4.24
CA ASP C 333 24.81 -33.20 4.64
C ASP C 333 25.19 -31.95 5.42
N ASP C 334 24.22 -31.03 5.50
CA ASP C 334 24.28 -29.92 6.44
C ASP C 334 23.58 -30.35 7.72
N CYS C 335 24.31 -30.31 8.83
CA CYS C 335 23.81 -30.72 10.13
C CYS C 335 23.91 -29.58 11.14
N TYR C 336 22.94 -29.53 12.05
CA TYR C 336 22.82 -28.40 12.97
C TYR C 336 22.41 -28.87 14.35
N LYS C 337 22.88 -28.14 15.35
CA LYS C 337 22.40 -28.23 16.72
C LYS C 337 21.57 -26.99 17.04
N PHE C 338 20.50 -27.20 17.81
CA PHE C 338 19.72 -26.09 18.36
C PHE C 338 20.54 -25.37 19.42
N ALA C 339 20.87 -24.10 19.17
CA ALA C 339 21.76 -23.33 20.02
C ALA C 339 21.00 -22.35 20.93
N ILE C 340 19.79 -22.72 21.34
CA ILE C 340 19.08 -22.04 22.41
C ILE C 340 18.86 -23.09 23.49
N SER C 341 19.22 -22.76 24.73
CA SER C 341 19.08 -23.74 25.81
C SER C 341 18.62 -23.05 27.08
N GLN C 342 18.28 -23.88 28.05
CA GLN C 342 17.64 -23.41 29.26
C GLN C 342 18.69 -22.96 30.27
N SER C 343 18.34 -21.94 31.05
CA SER C 343 19.24 -21.44 32.08
C SER C 343 18.49 -21.32 33.38
N SER C 344 19.24 -21.42 34.48
CA SER C 344 18.71 -21.12 35.80
C SER C 344 19.41 -19.92 36.43
N THR C 345 20.23 -19.20 35.68
CA THR C 345 20.98 -18.06 36.21
C THR C 345 20.79 -16.82 35.34
N GLY C 346 19.66 -16.73 34.64
CA GLY C 346 19.36 -15.57 33.84
C GLY C 346 19.60 -15.80 32.35
N THR C 347 19.30 -14.76 31.58
CA THR C 347 19.55 -14.81 30.14
C THR C 347 21.03 -14.62 29.86
N VAL C 348 21.56 -15.43 28.94
CA VAL C 348 22.93 -15.26 28.46
C VAL C 348 22.84 -15.03 26.96
N MET C 349 23.21 -13.84 26.52
CA MET C 349 23.30 -13.53 25.10
C MET C 349 24.72 -13.90 24.68
N GLY C 350 24.87 -15.13 24.20
CA GLY C 350 26.17 -15.69 23.89
C GLY C 350 26.60 -15.38 22.47
N ALA C 351 27.65 -16.09 22.04
CA ALA C 351 28.28 -15.82 20.74
C ALA C 351 27.27 -15.91 19.62
N VAL C 352 26.27 -16.77 19.77
CA VAL C 352 25.24 -16.97 18.77
C VAL C 352 24.40 -15.70 18.58
N ILE C 353 24.23 -14.92 19.64
CA ILE C 353 23.58 -13.62 19.53
C ILE C 353 24.55 -12.57 18.99
N MET C 354 25.79 -12.60 19.47
CA MET C 354 26.73 -11.54 19.15
C MET C 354 27.22 -11.60 17.71
N GLU C 355 27.33 -12.80 17.14
CA GLU C 355 27.80 -12.97 15.78
C GLU C 355 26.85 -12.27 14.81
N GLY C 356 27.41 -11.59 13.82
CA GLY C 356 26.59 -10.80 12.92
C GLY C 356 26.24 -9.42 13.43
N PHE C 357 26.59 -9.09 14.67
CA PHE C 357 26.45 -7.74 15.19
C PHE C 357 27.83 -7.23 15.58
N TYR C 358 27.97 -5.92 15.52
CA TYR C 358 29.12 -5.22 16.09
C TYR C 358 28.69 -4.72 17.47
N VAL C 359 29.39 -5.14 18.52
CA VAL C 359 28.96 -4.91 19.89
C VAL C 359 30.02 -4.04 20.56
N VAL C 360 29.61 -2.86 21.02
CA VAL C 360 30.52 -1.89 21.61
C VAL C 360 30.33 -1.92 23.13
N PHE C 361 31.39 -2.30 23.84
CA PHE C 361 31.37 -2.31 25.31
C PHE C 361 31.93 -0.98 25.76
N ASP C 362 31.04 0.01 25.84
CA ASP C 362 31.38 1.41 26.13
C ASP C 362 31.37 1.58 27.64
N ARG C 363 32.45 1.12 28.26
CA ARG C 363 32.56 1.15 29.71
C ARG C 363 32.58 2.58 30.24
N ALA C 364 33.26 3.49 29.54
CA ALA C 364 33.32 4.89 29.95
C ALA C 364 31.93 5.48 30.15
N ARG C 365 30.97 5.09 29.31
CA ARG C 365 29.63 5.65 29.43
C ARG C 365 28.62 4.64 29.94
N LYS C 366 29.07 3.52 30.51
CA LYS C 366 28.19 2.52 31.11
C LYS C 366 27.06 2.11 30.16
N ARG C 367 27.44 1.71 28.94
CA ARG C 367 26.42 1.35 27.96
C ARG C 367 27.02 0.36 26.96
N ILE C 368 26.15 -0.36 26.27
CA ILE C 368 26.56 -1.29 25.24
C ILE C 368 25.85 -0.94 23.94
N GLY C 369 26.63 -0.78 22.87
CA GLY C 369 26.11 -0.46 21.56
C GLY C 369 26.02 -1.69 20.68
N PHE C 370 24.98 -1.72 19.83
CA PHE C 370 24.80 -2.77 18.84
C PHE C 370 24.60 -2.16 17.47
N ALA C 371 25.26 -2.75 16.46
CA ALA C 371 25.05 -2.39 15.06
C ALA C 371 25.19 -3.64 14.22
N VAL C 372 24.56 -3.63 13.04
CA VAL C 372 24.73 -4.74 12.09
C VAL C 372 26.20 -4.86 11.70
N SER C 373 26.75 -6.06 11.81
CA SER C 373 28.16 -6.28 11.48
C SER C 373 28.40 -6.37 9.97
N ALA C 374 29.59 -5.98 9.54
CA ALA C 374 29.98 -6.23 8.15
C ALA C 374 30.01 -7.73 7.83
N CYS C 375 30.16 -8.60 8.82
CA CYS C 375 30.09 -10.05 8.60
C CYS C 375 28.77 -10.61 9.12
N HIS C 376 27.68 -10.04 8.62
CA HIS C 376 26.34 -10.47 8.96
C HIS C 376 25.94 -11.69 8.13
N VAL C 377 25.15 -12.58 8.75
CA VAL C 377 24.59 -13.70 8.01
C VAL C 377 23.63 -13.18 6.96
N HIS C 378 23.56 -13.86 5.83
CA HIS C 378 22.84 -13.33 4.66
C HIS C 378 21.85 -14.40 4.20
N ASP C 379 20.59 -14.21 4.56
CA ASP C 379 19.47 -15.02 4.10
C ASP C 379 18.90 -14.41 2.83
N GLU C 380 18.14 -15.21 2.09
CA GLU C 380 17.72 -14.73 0.77
C GLU C 380 16.58 -13.74 0.88
N PHE C 381 15.71 -13.92 1.85
CA PHE C 381 14.51 -13.11 2.00
C PHE C 381 14.41 -12.38 3.32
N ARG C 382 15.33 -12.61 4.25
CA ARG C 382 15.26 -11.97 5.56
C ARG C 382 16.65 -11.48 5.93
N THR C 383 16.70 -10.47 6.80
CA THR C 383 17.99 -9.94 7.19
C THR C 383 18.02 -9.61 8.68
N ALA C 384 19.10 -10.00 9.33
CA ALA C 384 19.39 -9.57 10.69
C ALA C 384 19.44 -8.04 10.75
N ALA C 385 18.94 -7.49 11.85
CA ALA C 385 18.81 -6.04 11.93
C ALA C 385 19.00 -5.57 13.36
N VAL C 386 19.35 -4.29 13.47
CA VAL C 386 19.30 -3.52 14.69
C VAL C 386 18.39 -2.35 14.34
N GLU C 387 17.22 -2.28 14.94
CA GLU C 387 16.21 -1.33 14.51
C GLU C 387 15.60 -0.59 15.70
N GLY C 388 15.38 0.70 15.51
CA GLY C 388 14.70 1.53 16.47
C GLY C 388 14.29 2.81 15.78
N PRO C 389 13.67 3.76 16.50
CA PRO C 389 13.37 3.65 17.92
C PRO C 389 12.11 2.84 18.23
N PHE C 390 12.08 2.28 19.42
CA PHE C 390 10.88 1.72 20.00
C PHE C 390 10.64 2.36 21.36
N VAL C 391 9.36 2.44 21.75
CA VAL C 391 9.01 2.85 23.10
C VAL C 391 8.64 1.60 23.87
N THR C 392 9.25 1.42 25.04
CA THR C 392 9.08 0.16 25.76
C THR C 392 8.98 0.42 27.25
N LEU C 393 8.85 -0.68 27.99
CA LEU C 393 8.90 -0.67 29.44
C LEU C 393 10.32 -0.34 29.88
N ASP C 394 10.49 0.00 31.17
CA ASP C 394 11.79 0.47 31.65
C ASP C 394 12.40 -0.44 32.71
N MET C 395 13.47 0.07 33.35
CA MET C 395 14.23 -0.74 34.28
C MET C 395 13.39 -1.16 35.48
N GLU C 396 12.56 -0.28 36.00
CA GLU C 396 11.71 -0.63 37.12
C GLU C 396 10.70 -1.71 36.74
N ASP C 397 10.19 -1.67 35.50
CA ASP C 397 9.23 -2.67 35.08
C ASP C 397 9.87 -4.02 34.79
N CYS C 398 11.15 -4.03 34.40
CA CYS C 398 11.71 -5.25 33.83
C CYS C 398 12.93 -5.77 34.56
N GLY C 399 13.59 -4.96 35.39
CA GLY C 399 14.78 -5.41 36.10
C GLY C 399 14.44 -6.27 37.30
N TYR C 400 15.13 -7.40 37.42
CA TYR C 400 14.93 -8.25 38.59
C TYR C 400 15.69 -7.69 39.78
N ASN C 401 15.11 -7.85 40.97
CA ASN C 401 15.73 -7.48 42.24
C ASN C 401 15.71 -8.62 43.25
C2 E6P D . -13.55 -5.63 -5.27
C4 E6P D . -15.19 -6.56 -3.99
C5 E6P D . -15.93 -5.38 -4.04
C8 E6P D . -14.20 -4.43 -5.38
C10 E6P D . -16.15 -3.01 -4.81
C15 E6P D . -19.12 -1.93 -3.18
C18 E6P D . -19.65 -3.17 -3.91
C13 E6P D . -17.73 -1.53 -3.65
C20 E6P D . -20.83 -3.77 -3.13
C23 E6P D . -21.33 -5.10 -3.68
C27 E6P D . -20.10 -6.80 -2.59
C30 E6P D . -19.48 -8.13 -2.99
C33 E6P D . -18.12 -7.98 -3.69
C36 E6P D . -16.98 -7.67 -2.67
C41 E6P D . -20.04 -2.80 -5.35
C45 E6P D . -17.13 -0.50 -2.71
C49 E6P D . -15.82 0.08 -3.27
C54 E6P D . -14.24 1.94 -2.94
C57 E6P D . -14.65 2.62 -4.24
C58 E6P D . -15.68 3.56 -4.25
C60 E6P D . -16.07 4.19 -5.43
C61 E6P D . -15.41 3.88 -6.59
C63 E6P D . -14.39 2.94 -6.61
C65 E6P D . -14.01 2.32 -5.43
C67 E6P D . -17.19 5.22 -5.43
C69 E6P D . -18.56 4.60 -5.56
C7 E6P D . -15.42 -4.30 -4.75
C73 E6P D . -17.13 6.11 -4.20
N11 E6P D . -16.91 -2.72 -3.74
N3 E6P D . -14.01 -6.70 -4.61
N39 E6P D . -15.68 -7.63 -3.32
N52 E6P D . -15.30 1.10 -2.34
O26 E6P D . -20.27 -6.03 -3.76
O47 E6P D . -18.08 0.55 -2.52
O77 E6P D . -16.06 -2.27 -5.79
CL1 E6P D . -12.01 -5.83 -6.05
C2 E6P E . -6.13 21.88 -31.30
C4 E6P E . -6.29 20.15 -29.84
C5 E6P E . -6.51 19.25 -30.88
C8 E6P E . -6.35 21.09 -32.41
C10 E6P E . -6.81 18.79 -33.32
C15 E6P E . -7.72 15.38 -33.39
C18 E6P E . -6.42 15.37 -32.56
C13 E6P E . -7.97 16.75 -34.01
C20 E6P E . -6.36 14.14 -31.61
C23 E6P E . -5.13 14.14 -30.70
C27 E6P E . -5.79 15.17 -28.67
C30 E6P E . -5.17 16.11 -27.67
C33 E6P E . -5.11 17.54 -28.15
C36 E6P E . -6.48 18.33 -28.12
C41 E6P E . -5.18 15.46 -33.47
C45 E6P E . -9.41 16.91 -34.53
C49 E6P E . -9.53 18.20 -35.34
C54 E6P E . -11.03 19.31 -36.94
C57 E6P E . -10.13 19.10 -38.14
C58 E6P E . -10.18 17.92 -38.88
C60 E6P E . -9.36 17.72 -40.00
C61 E6P E . -8.49 18.73 -40.37
C63 E6P E . -8.43 19.90 -39.65
C65 E6P E . -9.25 20.09 -38.54
C67 E6P E . -9.46 16.43 -40.80
C69 E6P E . -8.63 15.32 -40.22
C7 E6P E . -6.55 19.73 -32.18
C73 E6P E . -10.91 15.99 -40.93
N11 E6P E . -7.64 17.77 -33.04
N3 E6P E . -6.10 21.46 -30.05
N39 E6P E . -6.27 19.73 -28.54
N52 E6P E . -10.89 18.28 -35.91
O26 E6P E . -5.12 15.31 -29.90
O47 E6P E . -9.78 15.80 -35.38
O77 E6P E . -6.30 18.95 -34.42
CL1 E6P E . -5.89 23.59 -31.54
C2 E6P F . 27.96 -22.90 28.39
C4 E6P F . 29.61 -22.56 26.85
C5 E6P F . 30.41 -21.90 27.79
C8 E6P F . 28.65 -22.26 29.41
C10 E6P F . 30.74 -21.04 30.11
C15 E6P F . 33.76 -19.15 29.88
C18 E6P F . 34.20 -20.51 29.33
C13 E6P F . 32.38 -19.24 30.51
C20 E6P F . 35.49 -20.42 28.50
C23 E6P F . 35.69 -21.68 27.72
C27 E6P F . 34.65 -21.71 25.61
C30 E6P F . 33.85 -22.71 24.80
C33 E6P F . 32.53 -23.15 25.44
C36 E6P F . 31.34 -22.21 25.05
C41 E6P F . 34.34 -21.55 30.44
C45 E6P F . 31.78 -17.85 30.80
C49 E6P F . 30.48 -17.96 31.59
C54 E6P F . 28.92 -16.60 32.92
C57 E6P F . 29.37 -17.15 34.25
C58 E6P F . 30.41 -16.55 34.96
C60 E6P F . 30.85 -17.03 36.18
C61 E6P F . 30.22 -18.15 36.71
C63 E6P F . 29.19 -18.77 36.02
C65 E6P F . 28.77 -18.27 34.80
C67 E6P F . 31.99 -16.35 36.95
C69 E6P F . 33.32 -16.78 36.42
C7 E6P F . 29.91 -21.75 29.09
C73 E6P F . 31.88 -14.84 36.92
N11 E6P F . 31.51 -20.04 29.66
N3 E6P F . 28.40 -23.06 27.14
N39 E6P F . 30.05 -22.72 25.56
N52 E6P F . 29.96 -16.60 31.89
O26 E6P F . 34.51 -21.96 26.98
O47 E6P F . 32.70 -17.05 31.52
O77 E6P F . 30.72 -21.36 31.30
CL1 E6P F . 26.39 -23.56 28.74
#